data_5ABS
# 
_entry.id   5ABS 
# 
_audit_conform.dict_name       mmcif_pdbx.dic 
_audit_conform.dict_version    5.398 
_audit_conform.dict_location   http://mmcif.pdb.org/dictionaries/ascii/mmcif_pdbx.dic 
# 
loop_
_database_2.database_id 
_database_2.database_code 
_database_2.pdbx_database_accession 
_database_2.pdbx_DOI 
PDB   5ABS         pdb_00005abs 10.2210/pdb5abs/pdb 
PDBE  EBI-64634    ?            ?                   
WWPDB D_1290064634 ?            ?                   
# 
loop_
_pdbx_audit_revision_history.ordinal 
_pdbx_audit_revision_history.data_content_type 
_pdbx_audit_revision_history.major_revision 
_pdbx_audit_revision_history.minor_revision 
_pdbx_audit_revision_history.revision_date 
1 'Structure model' 1 0 2016-07-13 
2 'Structure model' 1 1 2019-01-30 
3 'Structure model' 1 2 2019-02-06 
4 'Structure model' 1 3 2024-11-06 
# 
_pdbx_audit_revision_details.ordinal             1 
_pdbx_audit_revision_details.revision_ordinal    1 
_pdbx_audit_revision_details.data_content_type   'Structure model' 
_pdbx_audit_revision_details.provider            repository 
_pdbx_audit_revision_details.type                'Initial release' 
_pdbx_audit_revision_details.description         ? 
_pdbx_audit_revision_details.details             ? 
# 
loop_
_pdbx_audit_revision_group.ordinal 
_pdbx_audit_revision_group.revision_ordinal 
_pdbx_audit_revision_group.data_content_type 
_pdbx_audit_revision_group.group 
1 2 'Structure model' 'Data collection'          
2 2 'Structure model' 'Experimental preparation' 
3 3 'Structure model' 'Data collection'          
4 3 'Structure model' 'Experimental preparation' 
5 4 'Structure model' 'Data collection'          
6 4 'Structure model' 'Database references'      
7 4 'Structure model' 'Derived calculations'     
8 4 'Structure model' Other                      
9 4 'Structure model' 'Structure summary'        
# 
loop_
_pdbx_audit_revision_category.ordinal 
_pdbx_audit_revision_category.revision_ordinal 
_pdbx_audit_revision_category.data_content_type 
_pdbx_audit_revision_category.category 
1  2 'Structure model' exptl_crystal_grow        
2  3 'Structure model' exptl_crystal_grow        
3  4 'Structure model' chem_comp_atom            
4  4 'Structure model' chem_comp_bond            
5  4 'Structure model' database_2                
6  4 'Structure model' pdbx_database_status      
7  4 'Structure model' pdbx_entry_details        
8  4 'Structure model' pdbx_modification_feature 
9  4 'Structure model' pdbx_struct_conn_angle    
10 4 'Structure model' struct_conn               
11 4 'Structure model' struct_site               
# 
loop_
_pdbx_audit_revision_item.ordinal 
_pdbx_audit_revision_item.revision_ordinal 
_pdbx_audit_revision_item.data_content_type 
_pdbx_audit_revision_item.item 
1  2 'Structure model' '_exptl_crystal_grow.method'                   
2  3 'Structure model' '_exptl_crystal_grow.temp'                     
3  4 'Structure model' '_database_2.pdbx_DOI'                         
4  4 'Structure model' '_database_2.pdbx_database_accession'          
5  4 'Structure model' '_pdbx_database_status.status_code_sf'         
6  4 'Structure model' '_pdbx_entry_details.has_protein_modification' 
7  4 'Structure model' '_pdbx_struct_conn_angle.ptnr1_auth_comp_id'   
8  4 'Structure model' '_pdbx_struct_conn_angle.ptnr1_auth_seq_id'    
9  4 'Structure model' '_pdbx_struct_conn_angle.ptnr1_label_asym_id'  
10 4 'Structure model' '_pdbx_struct_conn_angle.ptnr1_label_atom_id'  
11 4 'Structure model' '_pdbx_struct_conn_angle.ptnr1_label_comp_id'  
12 4 'Structure model' '_pdbx_struct_conn_angle.ptnr1_label_seq_id'   
13 4 'Structure model' '_pdbx_struct_conn_angle.ptnr1_symmetry'       
14 4 'Structure model' '_pdbx_struct_conn_angle.ptnr2_auth_seq_id'    
15 4 'Structure model' '_pdbx_struct_conn_angle.ptnr2_label_asym_id'  
16 4 'Structure model' '_pdbx_struct_conn_angle.ptnr3_auth_comp_id'   
17 4 'Structure model' '_pdbx_struct_conn_angle.ptnr3_auth_seq_id'    
18 4 'Structure model' '_pdbx_struct_conn_angle.ptnr3_label_asym_id'  
19 4 'Structure model' '_pdbx_struct_conn_angle.ptnr3_label_atom_id'  
20 4 'Structure model' '_pdbx_struct_conn_angle.ptnr3_label_comp_id'  
21 4 'Structure model' '_pdbx_struct_conn_angle.ptnr3_label_seq_id'   
22 4 'Structure model' '_pdbx_struct_conn_angle.ptnr3_symmetry'       
23 4 'Structure model' '_pdbx_struct_conn_angle.value'                
24 4 'Structure model' '_struct_conn.pdbx_dist_value'                 
25 4 'Structure model' '_struct_conn.pdbx_leaving_atom_flag'          
26 4 'Structure model' '_struct_conn.ptnr1_auth_comp_id'              
27 4 'Structure model' '_struct_conn.ptnr1_auth_seq_id'               
28 4 'Structure model' '_struct_conn.ptnr1_label_asym_id'             
29 4 'Structure model' '_struct_conn.ptnr1_label_atom_id'             
30 4 'Structure model' '_struct_conn.ptnr1_label_comp_id'             
31 4 'Structure model' '_struct_conn.ptnr1_label_seq_id'              
32 4 'Structure model' '_struct_conn.ptnr1_symmetry'                  
33 4 'Structure model' '_struct_conn.ptnr2_auth_comp_id'              
34 4 'Structure model' '_struct_conn.ptnr2_auth_seq_id'               
35 4 'Structure model' '_struct_conn.ptnr2_label_asym_id'             
36 4 'Structure model' '_struct_conn.ptnr2_label_atom_id'             
37 4 'Structure model' '_struct_conn.ptnr2_label_comp_id'             
38 4 'Structure model' '_struct_conn.ptnr2_label_seq_id'              
39 4 'Structure model' '_struct_conn.ptnr2_symmetry'                  
40 4 'Structure model' '_struct_site.pdbx_auth_asym_id'               
41 4 'Structure model' '_struct_site.pdbx_auth_comp_id'               
42 4 'Structure model' '_struct_site.pdbx_auth_seq_id'                
# 
_pdbx_database_status.status_code                     REL 
_pdbx_database_status.entry_id                        5ABS 
_pdbx_database_status.deposit_site                    PDBE 
_pdbx_database_status.process_site                    PDBE 
_pdbx_database_status.SG_entry                        . 
_pdbx_database_status.recvd_initial_deposition_date   2015-08-07 
_pdbx_database_status.pdb_format_compatible           Y 
_pdbx_database_status.status_code_sf                  REL 
_pdbx_database_status.status_code_mr                  ? 
_pdbx_database_status.status_code_cs                  ? 
_pdbx_database_status.methods_development_category    ? 
_pdbx_database_status.status_code_nmr_data            ? 
# 
_pdbx_database_related.db_name        PDB 
_pdbx_database_related.db_id          2N64 
_pdbx_database_related.content_type   unspecified 
_pdbx_database_related.details        . 
# 
loop_
_audit_author.name 
_audit_author.pdbx_ordinal 
'Wong, L.'       1 
'Habeck, M.'     2 
'Griesinger, C.' 3 
'Becker, S.'     4 
# 
_citation.id                        primary 
_citation.title                     'The Adaptor Protein Cin85 Assembles Intracellular Signaling Clusters for B Cell Activation.' 
_citation.journal_abbrev            Sci.Signal. 
_citation.journal_volume            9 
_citation.page_first                RA66 
_citation.page_last                 ? 
_citation.year                      2016 
_citation.journal_id_ASTM           ? 
_citation.country                   US 
_citation.journal_id_ISSN           1937-9145 
_citation.journal_id_CSD            ? 
_citation.book_publisher            ? 
_citation.pdbx_database_id_PubMed   27353366 
_citation.pdbx_database_id_DOI      10.1126/SCISIGNAL.AAD6275 
# 
loop_
_citation_author.citation_id 
_citation_author.name 
_citation_author.ordinal 
_citation_author.identifier_ORCID 
primary 'Kuhn, J.'        1  ? 
primary 'Wong, L.E.'      2  ? 
primary 'Pirkuliyeva, S.' 3  ? 
primary 'Schulz, K.'      4  ? 
primary 'Schwiegk, C.'    5  ? 
primary 'Funfgeld, K.G.'  6  ? 
primary 'Keppler, S.'     7  ? 
primary 'Batista, F.D.'   8  ? 
primary 'Urlaub, H.'      9  ? 
primary 'Habeck, M.'      10 ? 
primary 'Becker, S.'      11 ? 
primary 'Griesinger, C.'  12 ? 
primary 'Wienands, J.'    13 ? 
# 
loop_
_entity.id 
_entity.type 
_entity.src_method 
_entity.pdbx_description 
_entity.formula_weight 
_entity.pdbx_number_of_molecules 
_entity.pdbx_ec 
_entity.pdbx_mutation 
_entity.pdbx_fragment 
_entity.details 
1 polymer     man 'SH3 DOMAIN-CONTAINING KINASE-BINDING PROTEIN 1' 7885.649 1  ? ? 'COILED-COIL DOMAIN, RESIDUES 599-662' ? 
2 non-polymer syn 'ZINC ION'                                       65.409   4  ? ? ?                                      ? 
3 water       nat water                                            18.015   14 ? ? ?                                      ? 
# 
_entity_name_com.entity_id   1 
_entity_name_com.name        
'CD2-BINDING PROTEIN 3, CD2BP3, CBL-INTERACTING PROTEIN OF 85 KDA, HUMAN SRC FAMILY KINASE-BINDING PROTEIN 1, HSB-1' 
# 
_entity_poly.entity_id                      1 
_entity_poly.type                           'polypeptide(L)' 
_entity_poly.nstd_linkage                   no 
_entity_poly.nstd_monomer                   yes 
_entity_poly.pdbx_seq_one_letter_code       'GH(MSE)EPAASSQAAVEELRTQVRELRSIIET(MSE)KDQQKREIKQLLSELDEEKKIRLRLQ(MSE)EVNDIKKAL' 
_entity_poly.pdbx_seq_one_letter_code_can   GHMEPAASSQAAVEELRTQVRELRSIIETMKDQQKREIKQLLSELDEEKKIRLRLQMEVNDIKKAL 
_entity_poly.pdbx_strand_id                 A 
_entity_poly.pdbx_target_identifier         ? 
# 
loop_
_pdbx_entity_nonpoly.entity_id 
_pdbx_entity_nonpoly.name 
_pdbx_entity_nonpoly.comp_id 
2 'ZINC ION' ZN  
3 water      HOH 
# 
loop_
_entity_poly_seq.entity_id 
_entity_poly_seq.num 
_entity_poly_seq.mon_id 
_entity_poly_seq.hetero 
1 1  GLY n 
1 2  HIS n 
1 3  MSE n 
1 4  GLU n 
1 5  PRO n 
1 6  ALA n 
1 7  ALA n 
1 8  SER n 
1 9  SER n 
1 10 GLN n 
1 11 ALA n 
1 12 ALA n 
1 13 VAL n 
1 14 GLU n 
1 15 GLU n 
1 16 LEU n 
1 17 ARG n 
1 18 THR n 
1 19 GLN n 
1 20 VAL n 
1 21 ARG n 
1 22 GLU n 
1 23 LEU n 
1 24 ARG n 
1 25 SER n 
1 26 ILE n 
1 27 ILE n 
1 28 GLU n 
1 29 THR n 
1 30 MSE n 
1 31 LYS n 
1 32 ASP n 
1 33 GLN n 
1 34 GLN n 
1 35 LYS n 
1 36 ARG n 
1 37 GLU n 
1 38 ILE n 
1 39 LYS n 
1 40 GLN n 
1 41 LEU n 
1 42 LEU n 
1 43 SER n 
1 44 GLU n 
1 45 LEU n 
1 46 ASP n 
1 47 GLU n 
1 48 GLU n 
1 49 LYS n 
1 50 LYS n 
1 51 ILE n 
1 52 ARG n 
1 53 LEU n 
1 54 ARG n 
1 55 LEU n 
1 56 GLN n 
1 57 MSE n 
1 58 GLU n 
1 59 VAL n 
1 60 ASN n 
1 61 ASP n 
1 62 ILE n 
1 63 LYS n 
1 64 LYS n 
1 65 ALA n 
1 66 LEU n 
# 
_entity_src_gen.entity_id                          1 
_entity_src_gen.pdbx_src_id                        1 
_entity_src_gen.pdbx_alt_source_flag               sample 
_entity_src_gen.pdbx_seq_type                      ? 
_entity_src_gen.pdbx_beg_seq_num                   ? 
_entity_src_gen.pdbx_end_seq_num                   ? 
_entity_src_gen.gene_src_common_name               HUMAN 
_entity_src_gen.gene_src_genus                     ? 
_entity_src_gen.pdbx_gene_src_gene                 ? 
_entity_src_gen.gene_src_species                   ? 
_entity_src_gen.gene_src_strain                    ? 
_entity_src_gen.gene_src_tissue                    ? 
_entity_src_gen.gene_src_tissue_fraction           ? 
_entity_src_gen.gene_src_details                   ? 
_entity_src_gen.pdbx_gene_src_fragment             ? 
_entity_src_gen.pdbx_gene_src_scientific_name      'HOMO SAPIENS' 
_entity_src_gen.pdbx_gene_src_ncbi_taxonomy_id     9606 
_entity_src_gen.pdbx_gene_src_variant              ? 
_entity_src_gen.pdbx_gene_src_cell_line            ? 
_entity_src_gen.pdbx_gene_src_atcc                 ? 
_entity_src_gen.pdbx_gene_src_organ                ? 
_entity_src_gen.pdbx_gene_src_organelle            ? 
_entity_src_gen.pdbx_gene_src_cell                 ? 
_entity_src_gen.pdbx_gene_src_cellular_location    ? 
_entity_src_gen.host_org_common_name               ? 
_entity_src_gen.pdbx_host_org_scientific_name      'ESCHERICHIA COLI' 
_entity_src_gen.pdbx_host_org_ncbi_taxonomy_id     469008 
_entity_src_gen.host_org_genus                     ? 
_entity_src_gen.pdbx_host_org_gene                 ? 
_entity_src_gen.pdbx_host_org_organ                ? 
_entity_src_gen.host_org_species                   ? 
_entity_src_gen.pdbx_host_org_tissue               ? 
_entity_src_gen.pdbx_host_org_tissue_fraction      ? 
_entity_src_gen.pdbx_host_org_strain               'BL21(DE3)' 
_entity_src_gen.pdbx_host_org_variant              ? 
_entity_src_gen.pdbx_host_org_cell_line            ? 
_entity_src_gen.pdbx_host_org_atcc                 ? 
_entity_src_gen.pdbx_host_org_culture_collection   ? 
_entity_src_gen.pdbx_host_org_cell                 ? 
_entity_src_gen.pdbx_host_org_organelle            ? 
_entity_src_gen.pdbx_host_org_cellular_location    ? 
_entity_src_gen.pdbx_host_org_vector_type          PLASMID 
_entity_src_gen.pdbx_host_org_vector               PET16B 
_entity_src_gen.host_org_details                   ? 
_entity_src_gen.expression_system_id               ? 
_entity_src_gen.plasmid_name                       ? 
_entity_src_gen.plasmid_details                    ? 
_entity_src_gen.pdbx_description                   ? 
# 
loop_
_chem_comp.id 
_chem_comp.type 
_chem_comp.mon_nstd_flag 
_chem_comp.name 
_chem_comp.pdbx_synonyms 
_chem_comp.formula 
_chem_comp.formula_weight 
ALA 'L-peptide linking' y ALANINE          ? 'C3 H7 N O2'     89.093  
ARG 'L-peptide linking' y ARGININE         ? 'C6 H15 N4 O2 1' 175.209 
ASN 'L-peptide linking' y ASPARAGINE       ? 'C4 H8 N2 O3'    132.118 
ASP 'L-peptide linking' y 'ASPARTIC ACID'  ? 'C4 H7 N O4'     133.103 
GLN 'L-peptide linking' y GLUTAMINE        ? 'C5 H10 N2 O3'   146.144 
GLU 'L-peptide linking' y 'GLUTAMIC ACID'  ? 'C5 H9 N O4'     147.129 
GLY 'peptide linking'   y GLYCINE          ? 'C2 H5 N O2'     75.067  
HIS 'L-peptide linking' y HISTIDINE        ? 'C6 H10 N3 O2 1' 156.162 
HOH non-polymer         . WATER            ? 'H2 O'           18.015  
ILE 'L-peptide linking' y ISOLEUCINE       ? 'C6 H13 N O2'    131.173 
LEU 'L-peptide linking' y LEUCINE          ? 'C6 H13 N O2'    131.173 
LYS 'L-peptide linking' y LYSINE           ? 'C6 H15 N2 O2 1' 147.195 
MSE 'L-peptide linking' n SELENOMETHIONINE ? 'C5 H11 N O2 Se' 196.106 
PRO 'L-peptide linking' y PROLINE          ? 'C5 H9 N O2'     115.130 
SER 'L-peptide linking' y SERINE           ? 'C3 H7 N O3'     105.093 
THR 'L-peptide linking' y THREONINE        ? 'C4 H9 N O3'     119.119 
VAL 'L-peptide linking' y VALINE           ? 'C5 H11 N O2'    117.146 
ZN  non-polymer         . 'ZINC ION'       ? 'Zn 2'           65.409  
# 
loop_
_pdbx_poly_seq_scheme.asym_id 
_pdbx_poly_seq_scheme.entity_id 
_pdbx_poly_seq_scheme.seq_id 
_pdbx_poly_seq_scheme.mon_id 
_pdbx_poly_seq_scheme.ndb_seq_num 
_pdbx_poly_seq_scheme.pdb_seq_num 
_pdbx_poly_seq_scheme.auth_seq_num 
_pdbx_poly_seq_scheme.pdb_mon_id 
_pdbx_poly_seq_scheme.auth_mon_id 
_pdbx_poly_seq_scheme.pdb_strand_id 
_pdbx_poly_seq_scheme.pdb_ins_code 
_pdbx_poly_seq_scheme.hetero 
A 1 1  GLY 1  597 597 GLY GLY A . n 
A 1 2  HIS 2  598 598 HIS HIS A . n 
A 1 3  MSE 3  599 599 MSE MSE A . n 
A 1 4  GLU 4  600 600 GLU GLU A . n 
A 1 5  PRO 5  601 601 PRO PRO A . n 
A 1 6  ALA 6  602 602 ALA ALA A . n 
A 1 7  ALA 7  603 603 ALA ALA A . n 
A 1 8  SER 8  604 604 SER SER A . n 
A 1 9  SER 9  605 605 SER SER A . n 
A 1 10 GLN 10 606 606 GLN GLN A . n 
A 1 11 ALA 11 607 607 ALA ALA A . n 
A 1 12 ALA 12 608 608 ALA ALA A . n 
A 1 13 VAL 13 609 609 VAL VAL A . n 
A 1 14 GLU 14 610 610 GLU GLU A . n 
A 1 15 GLU 15 611 611 GLU GLU A . n 
A 1 16 LEU 16 612 612 LEU LEU A . n 
A 1 17 ARG 17 613 613 ARG ARG A . n 
A 1 18 THR 18 614 614 THR THR A . n 
A 1 19 GLN 19 615 615 GLN GLN A . n 
A 1 20 VAL 20 616 616 VAL VAL A . n 
A 1 21 ARG 21 617 617 ARG ARG A . n 
A 1 22 GLU 22 618 618 GLU GLU A . n 
A 1 23 LEU 23 619 619 LEU LEU A . n 
A 1 24 ARG 24 620 620 ARG ARG A . n 
A 1 25 SER 25 621 621 SER SER A . n 
A 1 26 ILE 26 622 622 ILE ILE A . n 
A 1 27 ILE 27 623 623 ILE ILE A . n 
A 1 28 GLU 28 624 624 GLU GLU A . n 
A 1 29 THR 29 625 625 THR THR A . n 
A 1 30 MSE 30 626 626 MSE MSE A . n 
A 1 31 LYS 31 627 627 LYS LYS A . n 
A 1 32 ASP 32 628 628 ASP ASP A . n 
A 1 33 GLN 33 629 629 GLN GLN A . n 
A 1 34 GLN 34 630 630 GLN GLN A . n 
A 1 35 LYS 35 631 631 LYS LYS A . n 
A 1 36 ARG 36 632 632 ARG ARG A . n 
A 1 37 GLU 37 633 633 GLU GLU A . n 
A 1 38 ILE 38 634 634 ILE ILE A . n 
A 1 39 LYS 39 635 635 LYS LYS A . n 
A 1 40 GLN 40 636 636 GLN GLN A . n 
A 1 41 LEU 41 637 637 LEU LEU A . n 
A 1 42 LEU 42 638 638 LEU LEU A . n 
A 1 43 SER 43 639 639 SER SER A . n 
A 1 44 GLU 44 640 640 GLU GLU A . n 
A 1 45 LEU 45 641 641 LEU LEU A . n 
A 1 46 ASP 46 642 642 ASP ASP A . n 
A 1 47 GLU 47 643 643 GLU GLU A . n 
A 1 48 GLU 48 644 644 GLU GLU A . n 
A 1 49 LYS 49 645 645 LYS LYS A . n 
A 1 50 LYS 50 646 646 LYS LYS A . n 
A 1 51 ILE 51 647 647 ILE ILE A . n 
A 1 52 ARG 52 648 648 ARG ARG A . n 
A 1 53 LEU 53 649 649 LEU LEU A . n 
A 1 54 ARG 54 650 650 ARG ARG A . n 
A 1 55 LEU 55 651 651 LEU LEU A . n 
A 1 56 GLN 56 652 652 GLN GLN A . n 
A 1 57 MSE 57 653 653 MSE MSE A . n 
A 1 58 GLU 58 654 654 GLU GLU A . n 
A 1 59 VAL 59 655 655 VAL VAL A . n 
A 1 60 ASN 60 656 656 ASN ASN A . n 
A 1 61 ASP 61 657 657 ASP ASP A . n 
A 1 62 ILE 62 658 658 ILE ILE A . n 
A 1 63 LYS 63 659 659 LYS LYS A . n 
A 1 64 LYS 64 660 660 LYS LYS A . n 
A 1 65 ALA 65 661 661 ALA ALA A . n 
A 1 66 LEU 66 662 662 LEU LEU A . n 
# 
loop_
_pdbx_nonpoly_scheme.asym_id 
_pdbx_nonpoly_scheme.entity_id 
_pdbx_nonpoly_scheme.mon_id 
_pdbx_nonpoly_scheme.ndb_seq_num 
_pdbx_nonpoly_scheme.pdb_seq_num 
_pdbx_nonpoly_scheme.auth_seq_num 
_pdbx_nonpoly_scheme.pdb_mon_id 
_pdbx_nonpoly_scheme.auth_mon_id 
_pdbx_nonpoly_scheme.pdb_strand_id 
_pdbx_nonpoly_scheme.pdb_ins_code 
B 2 ZN  1  1001 1001 ZN  ZN  A . 
C 2 ZN  1  1002 1002 ZN  ZN  A . 
D 2 ZN  1  1003 1003 ZN  ZN  A . 
E 2 ZN  1  1004 1004 ZN  ZN  A . 
F 3 HOH 1  2001 2001 HOH HOH A . 
F 3 HOH 2  2002 2002 HOH HOH A . 
F 3 HOH 3  2003 2003 HOH HOH A . 
F 3 HOH 4  2004 2004 HOH HOH A . 
F 3 HOH 5  2005 2005 HOH HOH A . 
F 3 HOH 6  2006 2006 HOH HOH A . 
F 3 HOH 7  2007 2007 HOH HOH A . 
F 3 HOH 8  2008 2008 HOH HOH A . 
F 3 HOH 9  2009 2009 HOH HOH A . 
F 3 HOH 10 2010 2010 HOH HOH A . 
F 3 HOH 11 2011 2011 HOH HOH A . 
F 3 HOH 12 2012 2012 HOH HOH A . 
F 3 HOH 13 2013 2013 HOH HOH A . 
F 3 HOH 14 2014 2014 HOH HOH A . 
# 
loop_
_pdbx_unobs_or_zero_occ_atoms.id 
_pdbx_unobs_or_zero_occ_atoms.PDB_model_num 
_pdbx_unobs_or_zero_occ_atoms.polymer_flag 
_pdbx_unobs_or_zero_occ_atoms.occupancy_flag 
_pdbx_unobs_or_zero_occ_atoms.auth_asym_id 
_pdbx_unobs_or_zero_occ_atoms.auth_comp_id 
_pdbx_unobs_or_zero_occ_atoms.auth_seq_id 
_pdbx_unobs_or_zero_occ_atoms.PDB_ins_code 
_pdbx_unobs_or_zero_occ_atoms.auth_atom_id 
_pdbx_unobs_or_zero_occ_atoms.label_alt_id 
_pdbx_unobs_or_zero_occ_atoms.label_asym_id 
_pdbx_unobs_or_zero_occ_atoms.label_comp_id 
_pdbx_unobs_or_zero_occ_atoms.label_seq_id 
_pdbx_unobs_or_zero_occ_atoms.label_atom_id 
1  1 Y 1 A MSE 599 ? CG  ? A MSE 3  CG  
2  1 Y 1 A MSE 599 ? SE  ? A MSE 3  SE  
3  1 Y 1 A MSE 599 ? CE  ? A MSE 3  CE  
4  1 Y 1 A GLN 630 ? CG  ? A GLN 34 CG  
5  1 Y 1 A GLN 630 ? CD  ? A GLN 34 CD  
6  1 Y 1 A GLN 630 ? OE1 ? A GLN 34 OE1 
7  1 Y 1 A GLN 630 ? NE2 ? A GLN 34 NE2 
8  1 Y 1 A LYS 631 ? CG  ? A LYS 35 CG  
9  1 Y 1 A LYS 631 ? CD  ? A LYS 35 CD  
10 1 Y 1 A LYS 631 ? CE  ? A LYS 35 CE  
11 1 Y 1 A LYS 631 ? NZ  ? A LYS 35 NZ  
12 1 Y 1 A GLU 633 ? CG  ? A GLU 37 CG  
13 1 Y 1 A GLU 633 ? CD  ? A GLU 37 CD  
14 1 Y 1 A GLU 633 ? OE1 ? A GLU 37 OE1 
15 1 Y 1 A GLU 633 ? OE2 ? A GLU 37 OE2 
16 1 Y 1 A LYS 660 ? CG  ? A LYS 64 CG  
17 1 Y 1 A LYS 660 ? CD  ? A LYS 64 CD  
18 1 Y 1 A LYS 660 ? CE  ? A LYS 64 CE  
19 1 Y 1 A LYS 660 ? NZ  ? A LYS 64 NZ  
# 
loop_
_software.name 
_software.classification 
_software.version 
_software.citation_id 
_software.pdbx_ordinal 
_software.date 
_software.type 
_software.location 
_software.language 
REFMAC refinement       5.8.0124 ? 1 ? ? ? ? 
XDS    'data reduction' .        ? 2 ? ? ? ? 
SADABS 'data scaling'   .        ? 3 ? ? ? ? 
SHELX  phasing          CDE      ? 4 ? ? ? ? 
# 
_cell.entry_id           5ABS 
_cell.length_a           40.968 
_cell.length_b           40.968 
_cell.length_c           90.036 
_cell.angle_alpha        90.00 
_cell.angle_beta         90.00 
_cell.angle_gamma        120.00 
_cell.Z_PDB              6 
_cell.pdbx_unique_axis   ? 
# 
_symmetry.entry_id                         5ABS 
_symmetry.space_group_name_H-M             'P 3 2 1' 
_symmetry.pdbx_full_space_group_name_H-M   ? 
_symmetry.cell_setting                     ? 
_symmetry.Int_Tables_number                150 
# 
_exptl.entry_id          5ABS 
_exptl.method            'X-RAY DIFFRACTION' 
_exptl.crystals_number   1 
# 
_exptl_crystal.id                    1 
_exptl_crystal.density_meas          ? 
_exptl_crystal.density_Matthews      2.82 
_exptl_crystal.density_percent_sol   56.4 
_exptl_crystal.description           NONE 
_exptl_crystal.preparation           ? 
# 
_exptl_crystal_grow.crystal_id      1 
_exptl_crystal_grow.method          'VAPOR DIFFUSION, SITTING DROP' 
_exptl_crystal_grow.temp            298 
_exptl_crystal_grow.temp_details    ? 
_exptl_crystal_grow.pH              7 
_exptl_crystal_grow.pdbx_pH_range   ? 
_exptl_crystal_grow.pdbx_details    '0.05M ZN ACETATE, 20% PEG3350, VAPOR DIFFUSION, SITTING DROP, TEMPERATURE 298K, pH 7' 
# 
_diffrn.id                               1 
_diffrn.ambient_temp                     100 
_diffrn.ambient_temp_details             ? 
_diffrn.crystal_id                       1 
_diffrn.pdbx_serial_crystal_experiment   ? 
# 
_diffrn_detector.diffrn_id              1 
_diffrn_detector.detector               PIXEL 
_diffrn_detector.type                   'DECTRIS PILATUS 6M' 
_diffrn_detector.pdbx_collection_date   2015-03-07 
_diffrn_detector.details                ? 
# 
_diffrn_radiation.diffrn_id                        1 
_diffrn_radiation.wavelength_id                    1 
_diffrn_radiation.pdbx_monochromatic_or_laue_m_l   M 
_diffrn_radiation.monochromator                    ? 
_diffrn_radiation.pdbx_diffrn_protocol             'SINGLE WAVELENGTH' 
_diffrn_radiation.pdbx_scattering_type             x-ray 
# 
_diffrn_radiation_wavelength.id           1 
_diffrn_radiation_wavelength.wavelength   1.214 
_diffrn_radiation_wavelength.wt           1.0 
# 
_diffrn_source.diffrn_id                   1 
_diffrn_source.source                      SYNCHROTRON 
_diffrn_source.type                        'SLS BEAMLINE X10SA' 
_diffrn_source.pdbx_synchrotron_site       SLS 
_diffrn_source.pdbx_synchrotron_beamline   X10SA 
_diffrn_source.pdbx_wavelength             1.214 
_diffrn_source.pdbx_wavelength_list        ? 
# 
_reflns.pdbx_diffrn_id               1 
_reflns.pdbx_ordinal                 1 
_reflns.entry_id                     5ABS 
_reflns.observed_criterion_sigma_I   2.0 
_reflns.observed_criterion_sigma_F   ? 
_reflns.d_resolution_low             45.02 
_reflns.d_resolution_high            1.74 
_reflns.number_obs                   9541 
_reflns.number_all                   ? 
_reflns.percent_possible_obs         99.6 
_reflns.pdbx_Rmerge_I_obs            0.10 
_reflns.pdbx_Rsym_value              ? 
_reflns.pdbx_netI_over_sigmaI        15.48 
_reflns.B_iso_Wilson_estimate        ? 
_reflns.pdbx_redundancy              17.9 
# 
_reflns_shell.pdbx_diffrn_id         1 
_reflns_shell.pdbx_ordinal           1 
_reflns_shell.d_res_high             1.74 
_reflns_shell.d_res_low              1.83 
_reflns_shell.percent_possible_all   97.6 
_reflns_shell.Rmerge_I_obs           0.92 
_reflns_shell.pdbx_Rsym_value        ? 
_reflns_shell.meanI_over_sigI_obs    1.09 
_reflns_shell.pdbx_redundancy        16.88 
# 
_refine.pdbx_refine_id                           'X-RAY DIFFRACTION' 
_refine.entry_id                                 5ABS 
_refine.pdbx_diffrn_id                           1 
_refine.pdbx_TLS_residual_ADP_flag               ? 
_refine.ls_number_reflns_obs                     8537 
_refine.ls_number_reflns_all                     ? 
_refine.pdbx_ls_sigma_I                          ? 
_refine.pdbx_ls_sigma_F                          . 
_refine.pdbx_data_cutoff_high_absF               ? 
_refine.pdbx_data_cutoff_low_absF                ? 
_refine.pdbx_data_cutoff_high_rms_absF           ? 
_refine.ls_d_res_low                             45.02 
_refine.ls_d_res_high                            1.74 
_refine.ls_percent_reflns_obs                    99.86 
_refine.ls_R_factor_obs                          0.24796 
_refine.ls_R_factor_all                          ? 
_refine.ls_R_factor_R_work                       0.24397 
_refine.ls_R_factor_R_free                       0.28327 
_refine.ls_R_factor_R_free_error                 ? 
_refine.ls_R_factor_R_free_error_details         ? 
_refine.ls_percent_reflns_R_free                 10.4 
_refine.ls_number_reflns_R_free                  993 
_refine.ls_number_parameters                     ? 
_refine.ls_number_restraints                     ? 
_refine.occupancy_min                            ? 
_refine.occupancy_max                            ? 
_refine.correlation_coeff_Fo_to_Fc               0.953 
_refine.correlation_coeff_Fo_to_Fc_free          0.918 
_refine.B_iso_mean                               43.917 
_refine.aniso_B[1][1]                            1.68 
_refine.aniso_B[2][2]                            1.68 
_refine.aniso_B[3][3]                            -5.46 
_refine.aniso_B[1][2]                            0.84 
_refine.aniso_B[1][3]                            0.00 
_refine.aniso_B[2][3]                            0.00 
_refine.solvent_model_details                    MASK 
_refine.solvent_model_param_ksol                 ? 
_refine.solvent_model_param_bsol                 ? 
_refine.pdbx_solvent_vdw_probe_radii             1.20 
_refine.pdbx_solvent_ion_probe_radii             0.80 
_refine.pdbx_solvent_shrinkage_radii             0.80 
_refine.pdbx_ls_cross_valid_method               THROUGHOUT 
_refine.details                                  'HYDROGENS HAVE BEEN ADDED IN THE RIDING POSITIONS.' 
_refine.pdbx_starting_model                      NONE 
_refine.pdbx_method_to_determine_struct          SAD 
_refine.pdbx_isotropic_thermal_model             ? 
_refine.pdbx_stereochemistry_target_values       'MAXIMUM LIKELIHOOD' 
_refine.pdbx_stereochem_target_val_spec_case     ? 
_refine.pdbx_R_Free_selection_details            RANDOM 
_refine.pdbx_overall_ESU_R                       0.130 
_refine.pdbx_overall_ESU_R_Free                  0.130 
_refine.overall_SU_ML                            0.116 
_refine.pdbx_overall_phase_error                 ? 
_refine.overall_SU_B                             3.897 
_refine.overall_SU_R_Cruickshank_DPI             ? 
_refine.pdbx_overall_SU_R_free_Cruickshank_DPI   ? 
_refine.pdbx_overall_SU_R_Blow_DPI               ? 
_refine.pdbx_overall_SU_R_free_Blow_DPI          ? 
# 
_refine_hist.pdbx_refine_id                   'X-RAY DIFFRACTION' 
_refine_hist.cycle_id                         LAST 
_refine_hist.pdbx_number_atoms_protein        520 
_refine_hist.pdbx_number_atoms_nucleic_acid   0 
_refine_hist.pdbx_number_atoms_ligand         4 
_refine_hist.number_atoms_solvent             14 
_refine_hist.number_atoms_total               538 
_refine_hist.d_res_high                       1.74 
_refine_hist.d_res_low                        45.02 
# 
loop_
_refine_ls_restr.type 
_refine_ls_restr.dev_ideal 
_refine_ls_restr.dev_ideal_target 
_refine_ls_restr.weight 
_refine_ls_restr.number 
_refine_ls_restr.pdbx_refine_id 
_refine_ls_restr.pdbx_restraint_function 
r_bond_refined_d             0.018  0.019  ? 539  'X-RAY DIFFRACTION' ? 
r_bond_other_d               0.001  0.020  ? 549  'X-RAY DIFFRACTION' ? 
r_angle_refined_deg          1.926  2.031  ? 723  'X-RAY DIFFRACTION' ? 
r_angle_other_deg            1.048  3.000  ? 1262 'X-RAY DIFFRACTION' ? 
r_dihedral_angle_1_deg       5.697  5.000  ? 69   'X-RAY DIFFRACTION' ? 
r_dihedral_angle_2_deg       32.195 24.800 ? 25   'X-RAY DIFFRACTION' ? 
r_dihedral_angle_3_deg       15.924 15.000 ? 106  'X-RAY DIFFRACTION' ? 
r_dihedral_angle_4_deg       21.755 15.000 ? 6    'X-RAY DIFFRACTION' ? 
r_chiral_restr               0.113  0.200  ? 85   'X-RAY DIFFRACTION' ? 
r_gen_planes_refined         0.007  0.020  ? 608  'X-RAY DIFFRACTION' ? 
r_gen_planes_other           0.002  0.020  ? 108  'X-RAY DIFFRACTION' ? 
r_nbd_refined                ?      ?      ? ?    'X-RAY DIFFRACTION' ? 
r_nbd_other                  ?      ?      ? ?    'X-RAY DIFFRACTION' ? 
r_nbtor_refined              ?      ?      ? ?    'X-RAY DIFFRACTION' ? 
r_nbtor_other                ?      ?      ? ?    'X-RAY DIFFRACTION' ? 
r_xyhbond_nbd_refined        ?      ?      ? ?    'X-RAY DIFFRACTION' ? 
r_xyhbond_nbd_other          ?      ?      ? ?    'X-RAY DIFFRACTION' ? 
r_metal_ion_refined          ?      ?      ? ?    'X-RAY DIFFRACTION' ? 
r_metal_ion_other            ?      ?      ? ?    'X-RAY DIFFRACTION' ? 
r_symmetry_vdw_refined       ?      ?      ? ?    'X-RAY DIFFRACTION' ? 
r_symmetry_vdw_other         ?      ?      ? ?    'X-RAY DIFFRACTION' ? 
r_symmetry_hbond_refined     ?      ?      ? ?    'X-RAY DIFFRACTION' ? 
r_symmetry_hbond_other       ?      ?      ? ?    'X-RAY DIFFRACTION' ? 
r_symmetry_metal_ion_refined ?      ?      ? ?    'X-RAY DIFFRACTION' ? 
r_symmetry_metal_ion_other   ?      ?      ? ?    'X-RAY DIFFRACTION' ? 
r_mcbond_it                  3.447  3.909  ? 273  'X-RAY DIFFRACTION' ? 
r_mcbond_other               3.446  3.900  ? 272  'X-RAY DIFFRACTION' ? 
r_mcangle_it                 4.368  5.818  ? 343  'X-RAY DIFFRACTION' ? 
r_mcangle_other              ?      ?      ? ?    'X-RAY DIFFRACTION' ? 
r_scbond_it                  6.558  4.772  ? 266  'X-RAY DIFFRACTION' ? 
r_scbond_other               ?      ?      ? ?    'X-RAY DIFFRACTION' ? 
r_scangle_it                 ?      ?      ? ?    'X-RAY DIFFRACTION' ? 
r_scangle_other              ?      ?      ? ?    'X-RAY DIFFRACTION' ? 
r_long_range_B_refined       ?      ?      ? ?    'X-RAY DIFFRACTION' ? 
r_long_range_B_other         ?      ?      ? ?    'X-RAY DIFFRACTION' ? 
r_rigid_bond_restr           ?      ?      ? ?    'X-RAY DIFFRACTION' ? 
r_sphericity_free            ?      ?      ? ?    'X-RAY DIFFRACTION' ? 
r_sphericity_bonded          ?      ?      ? ?    'X-RAY DIFFRACTION' ? 
# 
_refine_ls_shell.pdbx_refine_id                   'X-RAY DIFFRACTION' 
_refine_ls_shell.pdbx_total_number_of_bins_used   20 
_refine_ls_shell.d_res_high                       1.738 
_refine_ls_shell.d_res_low                        1.83 
_refine_ls_shell.number_reflns_R_work             603 
_refine_ls_shell.R_factor_R_work                  0.472 
_refine_ls_shell.percent_reflns_obs               98.84 
_refine_ls_shell.R_factor_R_free                  0.364 
_refine_ls_shell.R_factor_R_free_error            ? 
_refine_ls_shell.percent_reflns_R_free            ? 
_refine_ls_shell.number_reflns_R_free             76 
_refine_ls_shell.number_reflns_all                ? 
_refine_ls_shell.R_factor_all                     ? 
# 
_struct.entry_id                  5ABS 
_struct.title                     'CRYSTAL STRUCTURE OF THE C-TERMINAL COILED-COIL DOMAIN OF CIN85 IN SPACE GROUP P321' 
_struct.pdbx_model_details        ? 
_struct.pdbx_CASP_flag            ? 
_struct.pdbx_model_type_details   ? 
# 
_struct_keywords.entry_id        5ABS 
_struct_keywords.pdbx_keywords   'SIGNALING PROTEIN' 
_struct_keywords.text            
'SIGNALING PROTEIN, CBL-INTERACTING PROTEIN OF 85 KDA, ADAPTER PROTEIN, COILED-COIL DOMAIN, B-CELL ANTIGEN RECEPTOR SIGNALING' 
# 
loop_
_struct_asym.id 
_struct_asym.pdbx_blank_PDB_chainid_flag 
_struct_asym.pdbx_modified 
_struct_asym.entity_id 
_struct_asym.details 
A N N 1 ? 
B N N 2 ? 
C N N 2 ? 
D N N 2 ? 
E N N 2 ? 
F N N 3 ? 
# 
_struct_ref.id                         1 
_struct_ref.db_name                    UNP 
_struct_ref.db_code                    SH3K1_HUMAN 
_struct_ref.entity_id                  1 
_struct_ref.pdbx_seq_one_letter_code   ? 
_struct_ref.pdbx_align_begin           ? 
_struct_ref.pdbx_db_accession          Q96B97 
_struct_ref.pdbx_db_isoform            ? 
# 
_struct_ref_seq.align_id                      1 
_struct_ref_seq.ref_id                        1 
_struct_ref_seq.pdbx_PDB_id_code              5ABS 
_struct_ref_seq.pdbx_strand_id                A 
_struct_ref_seq.seq_align_beg                 3 
_struct_ref_seq.pdbx_seq_align_beg_ins_code   ? 
_struct_ref_seq.seq_align_end                 66 
_struct_ref_seq.pdbx_seq_align_end_ins_code   ? 
_struct_ref_seq.pdbx_db_accession             Q96B97 
_struct_ref_seq.db_align_beg                  599 
_struct_ref_seq.pdbx_db_align_beg_ins_code    ? 
_struct_ref_seq.db_align_end                  662 
_struct_ref_seq.pdbx_db_align_end_ins_code    ? 
_struct_ref_seq.pdbx_auth_seq_align_beg       599 
_struct_ref_seq.pdbx_auth_seq_align_end       662 
# 
loop_
_struct_ref_seq_dif.align_id 
_struct_ref_seq_dif.pdbx_pdb_id_code 
_struct_ref_seq_dif.mon_id 
_struct_ref_seq_dif.pdbx_pdb_strand_id 
_struct_ref_seq_dif.seq_num 
_struct_ref_seq_dif.pdbx_pdb_ins_code 
_struct_ref_seq_dif.pdbx_seq_db_name 
_struct_ref_seq_dif.pdbx_seq_db_accession_code 
_struct_ref_seq_dif.db_mon_id 
_struct_ref_seq_dif.pdbx_seq_db_seq_num 
_struct_ref_seq_dif.details 
_struct_ref_seq_dif.pdbx_auth_seq_num 
_struct_ref_seq_dif.pdbx_ordinal 
1 5ABS GLY A 1 ? UNP Q96B97 ? ? 'expression tag' 597 1 
1 5ABS HIS A 2 ? UNP Q96B97 ? ? 'expression tag' 598 2 
# 
_pdbx_struct_assembly.id                   1 
_pdbx_struct_assembly.details              author_and_software_defined_assembly 
_pdbx_struct_assembly.method_details       PISA 
_pdbx_struct_assembly.oligomeric_details   trimeric 
_pdbx_struct_assembly.oligomeric_count     3 
# 
loop_
_pdbx_struct_assembly_prop.biol_id 
_pdbx_struct_assembly_prop.type 
_pdbx_struct_assembly_prop.value 
_pdbx_struct_assembly_prop.details 
1 'ABSA (A^2)' 7060   ? 
1 MORE         -168.3 ? 
1 'SSA (A^2)'  12870  ? 
# 
_pdbx_struct_assembly_gen.assembly_id       1 
_pdbx_struct_assembly_gen.oper_expression   1,2,3 
_pdbx_struct_assembly_gen.asym_id_list      A,B,C,D,E,F 
# 
loop_
_pdbx_struct_oper_list.id 
_pdbx_struct_oper_list.type 
_pdbx_struct_oper_list.name 
_pdbx_struct_oper_list.symmetry_operation 
_pdbx_struct_oper_list.matrix[1][1] 
_pdbx_struct_oper_list.matrix[1][2] 
_pdbx_struct_oper_list.matrix[1][3] 
_pdbx_struct_oper_list.vector[1] 
_pdbx_struct_oper_list.matrix[2][1] 
_pdbx_struct_oper_list.matrix[2][2] 
_pdbx_struct_oper_list.matrix[2][3] 
_pdbx_struct_oper_list.vector[2] 
_pdbx_struct_oper_list.matrix[3][1] 
_pdbx_struct_oper_list.matrix[3][2] 
_pdbx_struct_oper_list.matrix[3][3] 
_pdbx_struct_oper_list.vector[3] 
1 'identity operation'         1_555 x,y,z         1.0000000000  0.0000000000  0.0000000000  0.0000000000  0.0000000000  1.0000000000 0.0000000000  0.0000000000 0.0000000000  0.0000000000  1.0000000000  0.0000000000 
2 'crystal symmetry operation' 3_665 -x+y+1,-x+1,z -0.4944309945 -0.1651748304 -0.8533787360 1.3653447770  0.3396774603  0.8669930768 -0.3646124350 2.6855433196 0.8000982531  -0.4701492106 -0.3725620823 9.0810287520 
3 'crystal symmetry operation' 2_655 -y+1,x-y,z    -0.4944309945 0.3396774603  0.8000982531  -7.5028649996 -0.1651748304 0.8669930768 -0.4701492106 2.1666116254 -0.8533787360 -0.3646124350 -0.3725620823 5.5275856694 
# 
_struct_conf.conf_type_id            HELX_P 
_struct_conf.id                      HELX_P1 
_struct_conf.pdbx_PDB_helix_id       1 
_struct_conf.beg_label_comp_id       SER 
_struct_conf.beg_label_asym_id       A 
_struct_conf.beg_label_seq_id        8 
_struct_conf.pdbx_beg_PDB_ins_code   ? 
_struct_conf.end_label_comp_id       LEU 
_struct_conf.end_label_asym_id       A 
_struct_conf.end_label_seq_id        66 
_struct_conf.pdbx_end_PDB_ins_code   ? 
_struct_conf.beg_auth_comp_id        SER 
_struct_conf.beg_auth_asym_id        A 
_struct_conf.beg_auth_seq_id         604 
_struct_conf.end_auth_comp_id        LEU 
_struct_conf.end_auth_asym_id        A 
_struct_conf.end_auth_seq_id         662 
_struct_conf.pdbx_PDB_helix_class    1 
_struct_conf.details                 ? 
_struct_conf.pdbx_PDB_helix_length   59 
# 
_struct_conf_type.id          HELX_P 
_struct_conf_type.criteria    ? 
_struct_conf_type.reference   ? 
# 
loop_
_struct_conn.id 
_struct_conn.conn_type_id 
_struct_conn.pdbx_leaving_atom_flag 
_struct_conn.pdbx_PDB_id 
_struct_conn.ptnr1_label_asym_id 
_struct_conn.ptnr1_label_comp_id 
_struct_conn.ptnr1_label_seq_id 
_struct_conn.ptnr1_label_atom_id 
_struct_conn.pdbx_ptnr1_label_alt_id 
_struct_conn.pdbx_ptnr1_PDB_ins_code 
_struct_conn.pdbx_ptnr1_standard_comp_id 
_struct_conn.ptnr1_symmetry 
_struct_conn.ptnr2_label_asym_id 
_struct_conn.ptnr2_label_comp_id 
_struct_conn.ptnr2_label_seq_id 
_struct_conn.ptnr2_label_atom_id 
_struct_conn.pdbx_ptnr2_label_alt_id 
_struct_conn.pdbx_ptnr2_PDB_ins_code 
_struct_conn.ptnr1_auth_asym_id 
_struct_conn.ptnr1_auth_comp_id 
_struct_conn.ptnr1_auth_seq_id 
_struct_conn.ptnr2_auth_asym_id 
_struct_conn.ptnr2_auth_comp_id 
_struct_conn.ptnr2_auth_seq_id 
_struct_conn.ptnr2_symmetry 
_struct_conn.pdbx_ptnr3_label_atom_id 
_struct_conn.pdbx_ptnr3_label_seq_id 
_struct_conn.pdbx_ptnr3_label_comp_id 
_struct_conn.pdbx_ptnr3_label_asym_id 
_struct_conn.pdbx_ptnr3_label_alt_id 
_struct_conn.pdbx_ptnr3_PDB_ins_code 
_struct_conn.details 
_struct_conn.pdbx_dist_value 
_struct_conn.pdbx_value_order 
_struct_conn.pdbx_role 
covale1  covale both ? A HIS 2  C   ? ? ? 1_555 A MSE 3  N  ? ? A HIS 598  A MSE 599  1_555 ? ? ? ? ? ? ? 1.350 ? ? 
covale2  covale both ? A MSE 3  C   ? ? ? 1_555 A GLU 4  N  ? ? A MSE 599  A GLU 600  1_555 ? ? ? ? ? ? ? 1.347 ? ? 
covale3  covale both ? A THR 29 C   ? ? ? 1_555 A MSE 30 N  A ? A THR 625  A MSE 626  1_555 ? ? ? ? ? ? ? 1.327 ? ? 
covale4  covale both ? A THR 29 C   ? ? ? 1_555 A MSE 30 N  B ? A THR 625  A MSE 626  1_555 ? ? ? ? ? ? ? 1.338 ? ? 
covale5  covale both ? A MSE 30 C   A ? ? 1_555 A LYS 31 N  ? ? A MSE 626  A LYS 627  1_555 ? ? ? ? ? ? ? 1.334 ? ? 
covale6  covale both ? A MSE 30 C   B ? ? 1_555 A LYS 31 N  ? ? A MSE 626  A LYS 627  1_555 ? ? ? ? ? ? ? 1.334 ? ? 
covale7  covale both ? A GLN 56 C   ? ? ? 1_555 A MSE 57 N  A ? A GLN 652  A MSE 653  1_555 ? ? ? ? ? ? ? 1.333 ? ? 
covale8  covale both ? A GLN 56 C   ? ? ? 1_555 A MSE 57 N  B ? A GLN 652  A MSE 653  1_555 ? ? ? ? ? ? ? 1.333 ? ? 
covale9  covale both ? A MSE 57 C   A ? ? 1_555 A GLU 58 N  ? ? A MSE 653  A GLU 654  1_555 ? ? ? ? ? ? ? 1.336 ? ? 
covale10 covale both ? A MSE 57 C   B ? ? 1_555 A GLU 58 N  ? ? A MSE 653  A GLU 654  1_555 ? ? ? ? ? ? ? 1.332 ? ? 
metalc1  metalc ?    ? A HIS 2  NE2 ? ? ? 5_666 C ZN  .  ZN ? ? A HIS 598  A ZN  1002 1_555 ? ? ? ? ? ? ? 2.111 ? ? 
metalc2  metalc ?    ? A GLU 4  OE2 ? ? ? 5_666 C ZN  .  ZN ? ? A GLU 600  A ZN  1002 1_555 ? ? ? ? ? ? ? 2.006 ? ? 
metalc3  metalc ?    ? A GLU 14 OE2 ? ? ? 6_766 B ZN  .  ZN ? ? A GLU 610  A ZN  1001 1_555 ? ? ? ? ? ? ? 2.133 ? ? 
metalc4  metalc ?    ? A GLU 28 OE2 ? ? ? 6_766 D ZN  .  ZN ? ? A GLU 624  A ZN  1003 1_555 ? ? ? ? ? ? ? 1.980 ? ? 
metalc5  metalc ?    ? A GLU 28 OE2 ? ? ? 1_555 D ZN  .  ZN ? ? A GLU 624  A ZN  1003 1_555 ? ? ? ? ? ? ? 1.996 ? ? 
metalc6  metalc ?    ? A ASP 32 OD2 ? ? ? 1_555 D ZN  .  ZN ? ? A ASP 628  A ZN  1003 1_555 ? ? ? ? ? ? ? 2.030 ? ? 
metalc7  metalc ?    ? A ASP 32 OD2 ? ? ? 6_766 D ZN  .  ZN ? ? A ASP 628  A ZN  1003 1_555 ? ? ? ? ? ? ? 2.005 ? ? 
metalc8  metalc ?    ? A GLU 44 OE2 ? ? ? 3_665 C ZN  .  ZN ? ? A GLU 640  A ZN  1002 1_555 ? ? ? ? ? ? ? 2.110 ? ? 
metalc9  metalc ?    ? A ASP 46 OD1 ? ? ? 1_555 C ZN  .  ZN ? ? A ASP 642  A ZN  1002 1_555 ? ? ? ? ? ? ? 1.995 ? ? 
metalc10 metalc ?    ? A GLU 47 OE2 ? ? ? 1_555 B ZN  .  ZN ? ? A GLU 643  A ZN  1001 1_555 ? ? ? ? ? ? ? 2.213 ? ? 
metalc11 metalc ?    ? A LYS 50 NZ  ? ? ? 1_555 B ZN  .  ZN ? ? A LYS 646  A ZN  1001 1_555 ? ? ? ? ? ? ? 2.259 ? ? 
metalc12 metalc ?    ? B ZN  .  ZN  ? ? ? 1_555 F HOH .  O  ? ? A ZN  1001 A HOH 2012 1_555 ? ? ? ? ? ? ? 2.638 ? ? 
# 
loop_
_struct_conn_type.id 
_struct_conn_type.criteria 
_struct_conn_type.reference 
covale ? ? 
metalc ? ? 
# 
loop_
_pdbx_struct_conn_angle.id 
_pdbx_struct_conn_angle.ptnr1_label_atom_id 
_pdbx_struct_conn_angle.ptnr1_label_alt_id 
_pdbx_struct_conn_angle.ptnr1_label_asym_id 
_pdbx_struct_conn_angle.ptnr1_label_comp_id 
_pdbx_struct_conn_angle.ptnr1_label_seq_id 
_pdbx_struct_conn_angle.ptnr1_auth_atom_id 
_pdbx_struct_conn_angle.ptnr1_auth_asym_id 
_pdbx_struct_conn_angle.ptnr1_auth_comp_id 
_pdbx_struct_conn_angle.ptnr1_auth_seq_id 
_pdbx_struct_conn_angle.ptnr1_PDB_ins_code 
_pdbx_struct_conn_angle.ptnr1_symmetry 
_pdbx_struct_conn_angle.ptnr2_label_atom_id 
_pdbx_struct_conn_angle.ptnr2_label_alt_id 
_pdbx_struct_conn_angle.ptnr2_label_asym_id 
_pdbx_struct_conn_angle.ptnr2_label_comp_id 
_pdbx_struct_conn_angle.ptnr2_label_seq_id 
_pdbx_struct_conn_angle.ptnr2_auth_atom_id 
_pdbx_struct_conn_angle.ptnr2_auth_asym_id 
_pdbx_struct_conn_angle.ptnr2_auth_comp_id 
_pdbx_struct_conn_angle.ptnr2_auth_seq_id 
_pdbx_struct_conn_angle.ptnr2_PDB_ins_code 
_pdbx_struct_conn_angle.ptnr2_symmetry 
_pdbx_struct_conn_angle.ptnr3_label_atom_id 
_pdbx_struct_conn_angle.ptnr3_label_alt_id 
_pdbx_struct_conn_angle.ptnr3_label_asym_id 
_pdbx_struct_conn_angle.ptnr3_label_comp_id 
_pdbx_struct_conn_angle.ptnr3_label_seq_id 
_pdbx_struct_conn_angle.ptnr3_auth_atom_id 
_pdbx_struct_conn_angle.ptnr3_auth_asym_id 
_pdbx_struct_conn_angle.ptnr3_auth_comp_id 
_pdbx_struct_conn_angle.ptnr3_auth_seq_id 
_pdbx_struct_conn_angle.ptnr3_PDB_ins_code 
_pdbx_struct_conn_angle.ptnr3_symmetry 
_pdbx_struct_conn_angle.value 
_pdbx_struct_conn_angle.value_esd 
1  NE2 ? A HIS 2  ? A HIS 598 ? 5_666 ZN ? C ZN . ? A ZN 1002 ? 1_555 OE2 ? A GLU 4  ? A GLU 600  ? 5_666 97.1  ? 
2  NE2 ? A HIS 2  ? A HIS 598 ? 5_666 ZN ? C ZN . ? A ZN 1002 ? 1_555 OE2 ? A GLU 44 ? A GLU 640  ? 3_665 108.8 ? 
3  OE2 ? A GLU 4  ? A GLU 600 ? 5_666 ZN ? C ZN . ? A ZN 1002 ? 1_555 OE2 ? A GLU 44 ? A GLU 640  ? 3_665 98.0  ? 
4  NE2 ? A HIS 2  ? A HIS 598 ? 5_666 ZN ? C ZN . ? A ZN 1002 ? 1_555 OD1 ? A ASP 46 ? A ASP 642  ? 1_555 132.2 ? 
5  OE2 ? A GLU 4  ? A GLU 600 ? 5_666 ZN ? C ZN . ? A ZN 1002 ? 1_555 OD1 ? A ASP 46 ? A ASP 642  ? 1_555 113.3 ? 
6  OE2 ? A GLU 44 ? A GLU 640 ? 3_665 ZN ? C ZN . ? A ZN 1002 ? 1_555 OD1 ? A ASP 46 ? A ASP 642  ? 1_555 102.6 ? 
7  OE2 ? A GLU 14 ? A GLU 610 ? 6_766 ZN ? B ZN . ? A ZN 1001 ? 1_555 OE2 ? A GLU 47 ? A GLU 643  ? 1_555 116.2 ? 
8  OE2 ? A GLU 14 ? A GLU 610 ? 6_766 ZN ? B ZN . ? A ZN 1001 ? 1_555 NZ  ? A LYS 50 ? A LYS 646  ? 1_555 70.1  ? 
9  OE2 ? A GLU 47 ? A GLU 643 ? 1_555 ZN ? B ZN . ? A ZN 1001 ? 1_555 NZ  ? A LYS 50 ? A LYS 646  ? 1_555 115.8 ? 
10 OE2 ? A GLU 14 ? A GLU 610 ? 6_766 ZN ? B ZN . ? A ZN 1001 ? 1_555 O   ? F HOH .  ? A HOH 2012 ? 1_555 146.7 ? 
11 OE2 ? A GLU 47 ? A GLU 643 ? 1_555 ZN ? B ZN . ? A ZN 1001 ? 1_555 O   ? F HOH .  ? A HOH 2012 ? 1_555 96.4  ? 
12 NZ  ? A LYS 50 ? A LYS 646 ? 1_555 ZN ? B ZN . ? A ZN 1001 ? 1_555 O   ? F HOH .  ? A HOH 2012 ? 1_555 103.1 ? 
13 OE2 ? A GLU 28 ? A GLU 624 ? 6_766 ZN ? D ZN . ? A ZN 1003 ? 1_555 OE2 ? A GLU 28 ? A GLU 624  ? 1_555 92.0  ? 
14 OE2 ? A GLU 28 ? A GLU 624 ? 6_766 ZN ? D ZN . ? A ZN 1003 ? 1_555 OD2 ? A ASP 32 ? A ASP 628  ? 1_555 122.5 ? 
15 OE2 ? A GLU 28 ? A GLU 624 ? 1_555 ZN ? D ZN . ? A ZN 1003 ? 1_555 OD2 ? A ASP 32 ? A ASP 628  ? 1_555 117.6 ? 
16 OE2 ? A GLU 28 ? A GLU 624 ? 6_766 ZN ? D ZN . ? A ZN 1003 ? 1_555 OD2 ? A ASP 32 ? A ASP 628  ? 6_766 119.6 ? 
17 OE2 ? A GLU 28 ? A GLU 624 ? 1_555 ZN ? D ZN . ? A ZN 1003 ? 1_555 OD2 ? A ASP 32 ? A ASP 628  ? 6_766 123.0 ? 
18 OD2 ? A ASP 32 ? A ASP 628 ? 1_555 ZN ? D ZN . ? A ZN 1003 ? 1_555 OD2 ? A ASP 32 ? A ASP 628  ? 6_766 85.6  ? 
# 
loop_
_pdbx_modification_feature.ordinal 
_pdbx_modification_feature.label_comp_id 
_pdbx_modification_feature.label_asym_id 
_pdbx_modification_feature.label_seq_id 
_pdbx_modification_feature.label_alt_id 
_pdbx_modification_feature.modified_residue_label_comp_id 
_pdbx_modification_feature.modified_residue_label_asym_id 
_pdbx_modification_feature.modified_residue_label_seq_id 
_pdbx_modification_feature.modified_residue_label_alt_id 
_pdbx_modification_feature.auth_comp_id 
_pdbx_modification_feature.auth_asym_id 
_pdbx_modification_feature.auth_seq_id 
_pdbx_modification_feature.PDB_ins_code 
_pdbx_modification_feature.symmetry 
_pdbx_modification_feature.modified_residue_auth_comp_id 
_pdbx_modification_feature.modified_residue_auth_asym_id 
_pdbx_modification_feature.modified_residue_auth_seq_id 
_pdbx_modification_feature.modified_residue_PDB_ins_code 
_pdbx_modification_feature.modified_residue_symmetry 
_pdbx_modification_feature.comp_id_linking_atom 
_pdbx_modification_feature.modified_residue_id_linking_atom 
_pdbx_modification_feature.modified_residue_id 
_pdbx_modification_feature.ref_pcm_id 
_pdbx_modification_feature.ref_comp_id 
_pdbx_modification_feature.type 
_pdbx_modification_feature.category 
1 MSE A 3  ? . . . . MSE A 599 ? 1_555 . . . . . . . MET 1 MSE Selenomethionine 'Named protein modification' 
2 MSE A 30 A . . . . MSE A 626 ? 1_555 . . . . . . . MET 1 MSE Selenomethionine 'Named protein modification' 
3 MSE A 30 B . . . . MSE A 626 ? 1_555 . . . . . . . MET 1 MSE Selenomethionine 'Named protein modification' 
4 MSE A 57 A . . . . MSE A 653 ? 1_555 . . . . . . . MET 1 MSE Selenomethionine 'Named protein modification' 
5 MSE A 57 B . . . . MSE A 653 ? 1_555 . . . . . . . MET 1 MSE Selenomethionine 'Named protein modification' 
# 
loop_
_struct_site.id 
_struct_site.pdbx_evidence_code 
_struct_site.pdbx_auth_asym_id 
_struct_site.pdbx_auth_comp_id 
_struct_site.pdbx_auth_seq_id 
_struct_site.pdbx_auth_ins_code 
_struct_site.pdbx_num_residues 
_struct_site.details 
AC1 Software A ZN 1001 ? 4 'BINDING SITE FOR RESIDUE ZN A 1001' 
AC2 Software A ZN 1002 ? 4 'BINDING SITE FOR RESIDUE ZN A 1002' 
AC3 Software A ZN 1003 ? 4 'BINDING SITE FOR RESIDUE ZN A 1003' 
AC4 Software A ZN 1004 ? 2 'BINDING SITE FOR RESIDUE ZN A 1004' 
# 
loop_
_struct_site_gen.id 
_struct_site_gen.site_id 
_struct_site_gen.pdbx_num_res 
_struct_site_gen.label_comp_id 
_struct_site_gen.label_asym_id 
_struct_site_gen.label_seq_id 
_struct_site_gen.pdbx_auth_ins_code 
_struct_site_gen.auth_comp_id 
_struct_site_gen.auth_asym_id 
_struct_site_gen.auth_seq_id 
_struct_site_gen.label_atom_id 
_struct_site_gen.label_alt_id 
_struct_site_gen.symmetry 
_struct_site_gen.details 
1  AC1 4 GLU A 14 ? GLU A 610  . ? 6_766 ? 
2  AC1 4 GLU A 47 ? GLU A 643  . ? 1_555 ? 
3  AC1 4 LYS A 50 ? LYS A 646  . ? 1_555 ? 
4  AC1 4 HOH F .  ? HOH A 2012 . ? 1_555 ? 
5  AC2 4 HIS A 2  ? HIS A 598  . ? 5_666 ? 
6  AC2 4 GLU A 4  ? GLU A 600  . ? 5_666 ? 
7  AC2 4 GLU A 44 ? GLU A 640  . ? 3_665 ? 
8  AC2 4 ASP A 46 ? ASP A 642  . ? 1_555 ? 
9  AC3 4 GLU A 28 ? GLU A 624  . ? 1_555 ? 
10 AC3 4 GLU A 28 ? GLU A 624  . ? 6_766 ? 
11 AC3 4 ASP A 32 ? ASP A 628  . ? 6_766 ? 
12 AC3 4 ASP A 32 ? ASP A 628  . ? 1_555 ? 
13 AC4 2 ASP A 61 ? ASP A 657  . ? 1_555 ? 
14 AC4 2 ASP A 61 ? ASP A 657  . ? 6_767 ? 
# 
_pdbx_entry_details.entry_id                   5ABS 
_pdbx_entry_details.compound_details           ? 
_pdbx_entry_details.source_details             ? 
_pdbx_entry_details.nonpolymer_details         ? 
_pdbx_entry_details.sequence_details           'THE N-TERMINAL GH IS DUE TO CLONING' 
_pdbx_entry_details.has_ligand_of_interest     ? 
_pdbx_entry_details.has_protein_modification   Y 
# 
loop_
_pdbx_struct_mod_residue.id 
_pdbx_struct_mod_residue.label_asym_id 
_pdbx_struct_mod_residue.label_comp_id 
_pdbx_struct_mod_residue.label_seq_id 
_pdbx_struct_mod_residue.auth_asym_id 
_pdbx_struct_mod_residue.auth_comp_id 
_pdbx_struct_mod_residue.auth_seq_id 
_pdbx_struct_mod_residue.PDB_ins_code 
_pdbx_struct_mod_residue.parent_comp_id 
_pdbx_struct_mod_residue.details 
1 A MSE 3  A MSE 599 ? MET SELENOMETHIONINE 
2 A MSE 30 A MSE 626 ? MET SELENOMETHIONINE 
3 A MSE 57 A MSE 653 ? MET SELENOMETHIONINE 
# 
loop_
_pdbx_struct_special_symmetry.id 
_pdbx_struct_special_symmetry.PDB_model_num 
_pdbx_struct_special_symmetry.auth_asym_id 
_pdbx_struct_special_symmetry.auth_comp_id 
_pdbx_struct_special_symmetry.auth_seq_id 
_pdbx_struct_special_symmetry.PDB_ins_code 
_pdbx_struct_special_symmetry.label_asym_id 
_pdbx_struct_special_symmetry.label_comp_id 
_pdbx_struct_special_symmetry.label_seq_id 
1 1 A ZN 1003 ? D ZN . 
2 1 A ZN 1004 ? E ZN . 
# 
loop_
_chem_comp_atom.comp_id 
_chem_comp_atom.atom_id 
_chem_comp_atom.type_symbol 
_chem_comp_atom.pdbx_aromatic_flag 
_chem_comp_atom.pdbx_stereo_config 
_chem_comp_atom.pdbx_ordinal 
ALA N    N  N N 1   
ALA CA   C  N S 2   
ALA C    C  N N 3   
ALA O    O  N N 4   
ALA CB   C  N N 5   
ALA OXT  O  N N 6   
ALA H    H  N N 7   
ALA H2   H  N N 8   
ALA HA   H  N N 9   
ALA HB1  H  N N 10  
ALA HB2  H  N N 11  
ALA HB3  H  N N 12  
ALA HXT  H  N N 13  
ARG N    N  N N 14  
ARG CA   C  N S 15  
ARG C    C  N N 16  
ARG O    O  N N 17  
ARG CB   C  N N 18  
ARG CG   C  N N 19  
ARG CD   C  N N 20  
ARG NE   N  N N 21  
ARG CZ   C  N N 22  
ARG NH1  N  N N 23  
ARG NH2  N  N N 24  
ARG OXT  O  N N 25  
ARG H    H  N N 26  
ARG H2   H  N N 27  
ARG HA   H  N N 28  
ARG HB2  H  N N 29  
ARG HB3  H  N N 30  
ARG HG2  H  N N 31  
ARG HG3  H  N N 32  
ARG HD2  H  N N 33  
ARG HD3  H  N N 34  
ARG HE   H  N N 35  
ARG HH11 H  N N 36  
ARG HH12 H  N N 37  
ARG HH21 H  N N 38  
ARG HH22 H  N N 39  
ARG HXT  H  N N 40  
ASN N    N  N N 41  
ASN CA   C  N S 42  
ASN C    C  N N 43  
ASN O    O  N N 44  
ASN CB   C  N N 45  
ASN CG   C  N N 46  
ASN OD1  O  N N 47  
ASN ND2  N  N N 48  
ASN OXT  O  N N 49  
ASN H    H  N N 50  
ASN H2   H  N N 51  
ASN HA   H  N N 52  
ASN HB2  H  N N 53  
ASN HB3  H  N N 54  
ASN HD21 H  N N 55  
ASN HD22 H  N N 56  
ASN HXT  H  N N 57  
ASP N    N  N N 58  
ASP CA   C  N S 59  
ASP C    C  N N 60  
ASP O    O  N N 61  
ASP CB   C  N N 62  
ASP CG   C  N N 63  
ASP OD1  O  N N 64  
ASP OD2  O  N N 65  
ASP OXT  O  N N 66  
ASP H    H  N N 67  
ASP H2   H  N N 68  
ASP HA   H  N N 69  
ASP HB2  H  N N 70  
ASP HB3  H  N N 71  
ASP HD2  H  N N 72  
ASP HXT  H  N N 73  
GLN N    N  N N 74  
GLN CA   C  N S 75  
GLN C    C  N N 76  
GLN O    O  N N 77  
GLN CB   C  N N 78  
GLN CG   C  N N 79  
GLN CD   C  N N 80  
GLN OE1  O  N N 81  
GLN NE2  N  N N 82  
GLN OXT  O  N N 83  
GLN H    H  N N 84  
GLN H2   H  N N 85  
GLN HA   H  N N 86  
GLN HB2  H  N N 87  
GLN HB3  H  N N 88  
GLN HG2  H  N N 89  
GLN HG3  H  N N 90  
GLN HE21 H  N N 91  
GLN HE22 H  N N 92  
GLN HXT  H  N N 93  
GLU N    N  N N 94  
GLU CA   C  N S 95  
GLU C    C  N N 96  
GLU O    O  N N 97  
GLU CB   C  N N 98  
GLU CG   C  N N 99  
GLU CD   C  N N 100 
GLU OE1  O  N N 101 
GLU OE2  O  N N 102 
GLU OXT  O  N N 103 
GLU H    H  N N 104 
GLU H2   H  N N 105 
GLU HA   H  N N 106 
GLU HB2  H  N N 107 
GLU HB3  H  N N 108 
GLU HG2  H  N N 109 
GLU HG3  H  N N 110 
GLU HE2  H  N N 111 
GLU HXT  H  N N 112 
GLY N    N  N N 113 
GLY CA   C  N N 114 
GLY C    C  N N 115 
GLY O    O  N N 116 
GLY OXT  O  N N 117 
GLY H    H  N N 118 
GLY H2   H  N N 119 
GLY HA2  H  N N 120 
GLY HA3  H  N N 121 
GLY HXT  H  N N 122 
HIS N    N  N N 123 
HIS CA   C  N S 124 
HIS C    C  N N 125 
HIS O    O  N N 126 
HIS CB   C  N N 127 
HIS CG   C  Y N 128 
HIS ND1  N  Y N 129 
HIS CD2  C  Y N 130 
HIS CE1  C  Y N 131 
HIS NE2  N  Y N 132 
HIS OXT  O  N N 133 
HIS H    H  N N 134 
HIS H2   H  N N 135 
HIS HA   H  N N 136 
HIS HB2  H  N N 137 
HIS HB3  H  N N 138 
HIS HD1  H  N N 139 
HIS HD2  H  N N 140 
HIS HE1  H  N N 141 
HIS HE2  H  N N 142 
HIS HXT  H  N N 143 
HOH O    O  N N 144 
HOH H1   H  N N 145 
HOH H2   H  N N 146 
ILE N    N  N N 147 
ILE CA   C  N S 148 
ILE C    C  N N 149 
ILE O    O  N N 150 
ILE CB   C  N S 151 
ILE CG1  C  N N 152 
ILE CG2  C  N N 153 
ILE CD1  C  N N 154 
ILE OXT  O  N N 155 
ILE H    H  N N 156 
ILE H2   H  N N 157 
ILE HA   H  N N 158 
ILE HB   H  N N 159 
ILE HG12 H  N N 160 
ILE HG13 H  N N 161 
ILE HG21 H  N N 162 
ILE HG22 H  N N 163 
ILE HG23 H  N N 164 
ILE HD11 H  N N 165 
ILE HD12 H  N N 166 
ILE HD13 H  N N 167 
ILE HXT  H  N N 168 
LEU N    N  N N 169 
LEU CA   C  N S 170 
LEU C    C  N N 171 
LEU O    O  N N 172 
LEU CB   C  N N 173 
LEU CG   C  N N 174 
LEU CD1  C  N N 175 
LEU CD2  C  N N 176 
LEU OXT  O  N N 177 
LEU H    H  N N 178 
LEU H2   H  N N 179 
LEU HA   H  N N 180 
LEU HB2  H  N N 181 
LEU HB3  H  N N 182 
LEU HG   H  N N 183 
LEU HD11 H  N N 184 
LEU HD12 H  N N 185 
LEU HD13 H  N N 186 
LEU HD21 H  N N 187 
LEU HD22 H  N N 188 
LEU HD23 H  N N 189 
LEU HXT  H  N N 190 
LYS N    N  N N 191 
LYS CA   C  N S 192 
LYS C    C  N N 193 
LYS O    O  N N 194 
LYS CB   C  N N 195 
LYS CG   C  N N 196 
LYS CD   C  N N 197 
LYS CE   C  N N 198 
LYS NZ   N  N N 199 
LYS OXT  O  N N 200 
LYS H    H  N N 201 
LYS H2   H  N N 202 
LYS HA   H  N N 203 
LYS HB2  H  N N 204 
LYS HB3  H  N N 205 
LYS HG2  H  N N 206 
LYS HG3  H  N N 207 
LYS HD2  H  N N 208 
LYS HD3  H  N N 209 
LYS HE2  H  N N 210 
LYS HE3  H  N N 211 
LYS HZ1  H  N N 212 
LYS HZ2  H  N N 213 
LYS HZ3  H  N N 214 
LYS HXT  H  N N 215 
MSE N    N  N N 216 
MSE CA   C  N S 217 
MSE C    C  N N 218 
MSE O    O  N N 219 
MSE OXT  O  N N 220 
MSE CB   C  N N 221 
MSE CG   C  N N 222 
MSE SE   SE N N 223 
MSE CE   C  N N 224 
MSE H    H  N N 225 
MSE H2   H  N N 226 
MSE HA   H  N N 227 
MSE HXT  H  N N 228 
MSE HB2  H  N N 229 
MSE HB3  H  N N 230 
MSE HG2  H  N N 231 
MSE HG3  H  N N 232 
MSE HE1  H  N N 233 
MSE HE2  H  N N 234 
MSE HE3  H  N N 235 
PRO N    N  N N 236 
PRO CA   C  N S 237 
PRO C    C  N N 238 
PRO O    O  N N 239 
PRO CB   C  N N 240 
PRO CG   C  N N 241 
PRO CD   C  N N 242 
PRO OXT  O  N N 243 
PRO H    H  N N 244 
PRO HA   H  N N 245 
PRO HB2  H  N N 246 
PRO HB3  H  N N 247 
PRO HG2  H  N N 248 
PRO HG3  H  N N 249 
PRO HD2  H  N N 250 
PRO HD3  H  N N 251 
PRO HXT  H  N N 252 
SER N    N  N N 253 
SER CA   C  N S 254 
SER C    C  N N 255 
SER O    O  N N 256 
SER CB   C  N N 257 
SER OG   O  N N 258 
SER OXT  O  N N 259 
SER H    H  N N 260 
SER H2   H  N N 261 
SER HA   H  N N 262 
SER HB2  H  N N 263 
SER HB3  H  N N 264 
SER HG   H  N N 265 
SER HXT  H  N N 266 
THR N    N  N N 267 
THR CA   C  N S 268 
THR C    C  N N 269 
THR O    O  N N 270 
THR CB   C  N R 271 
THR OG1  O  N N 272 
THR CG2  C  N N 273 
THR OXT  O  N N 274 
THR H    H  N N 275 
THR H2   H  N N 276 
THR HA   H  N N 277 
THR HB   H  N N 278 
THR HG1  H  N N 279 
THR HG21 H  N N 280 
THR HG22 H  N N 281 
THR HG23 H  N N 282 
THR HXT  H  N N 283 
VAL N    N  N N 284 
VAL CA   C  N S 285 
VAL C    C  N N 286 
VAL O    O  N N 287 
VAL CB   C  N N 288 
VAL CG1  C  N N 289 
VAL CG2  C  N N 290 
VAL OXT  O  N N 291 
VAL H    H  N N 292 
VAL H2   H  N N 293 
VAL HA   H  N N 294 
VAL HB   H  N N 295 
VAL HG11 H  N N 296 
VAL HG12 H  N N 297 
VAL HG13 H  N N 298 
VAL HG21 H  N N 299 
VAL HG22 H  N N 300 
VAL HG23 H  N N 301 
VAL HXT  H  N N 302 
ZN  ZN   ZN N N 303 
# 
loop_
_chem_comp_bond.comp_id 
_chem_comp_bond.atom_id_1 
_chem_comp_bond.atom_id_2 
_chem_comp_bond.value_order 
_chem_comp_bond.pdbx_aromatic_flag 
_chem_comp_bond.pdbx_stereo_config 
_chem_comp_bond.pdbx_ordinal 
ALA N   CA   sing N N 1   
ALA N   H    sing N N 2   
ALA N   H2   sing N N 3   
ALA CA  C    sing N N 4   
ALA CA  CB   sing N N 5   
ALA CA  HA   sing N N 6   
ALA C   O    doub N N 7   
ALA C   OXT  sing N N 8   
ALA CB  HB1  sing N N 9   
ALA CB  HB2  sing N N 10  
ALA CB  HB3  sing N N 11  
ALA OXT HXT  sing N N 12  
ARG N   CA   sing N N 13  
ARG N   H    sing N N 14  
ARG N   H2   sing N N 15  
ARG CA  C    sing N N 16  
ARG CA  CB   sing N N 17  
ARG CA  HA   sing N N 18  
ARG C   O    doub N N 19  
ARG C   OXT  sing N N 20  
ARG CB  CG   sing N N 21  
ARG CB  HB2  sing N N 22  
ARG CB  HB3  sing N N 23  
ARG CG  CD   sing N N 24  
ARG CG  HG2  sing N N 25  
ARG CG  HG3  sing N N 26  
ARG CD  NE   sing N N 27  
ARG CD  HD2  sing N N 28  
ARG CD  HD3  sing N N 29  
ARG NE  CZ   sing N N 30  
ARG NE  HE   sing N N 31  
ARG CZ  NH1  sing N N 32  
ARG CZ  NH2  doub N N 33  
ARG NH1 HH11 sing N N 34  
ARG NH1 HH12 sing N N 35  
ARG NH2 HH21 sing N N 36  
ARG NH2 HH22 sing N N 37  
ARG OXT HXT  sing N N 38  
ASN N   CA   sing N N 39  
ASN N   H    sing N N 40  
ASN N   H2   sing N N 41  
ASN CA  C    sing N N 42  
ASN CA  CB   sing N N 43  
ASN CA  HA   sing N N 44  
ASN C   O    doub N N 45  
ASN C   OXT  sing N N 46  
ASN CB  CG   sing N N 47  
ASN CB  HB2  sing N N 48  
ASN CB  HB3  sing N N 49  
ASN CG  OD1  doub N N 50  
ASN CG  ND2  sing N N 51  
ASN ND2 HD21 sing N N 52  
ASN ND2 HD22 sing N N 53  
ASN OXT HXT  sing N N 54  
ASP N   CA   sing N N 55  
ASP N   H    sing N N 56  
ASP N   H2   sing N N 57  
ASP CA  C    sing N N 58  
ASP CA  CB   sing N N 59  
ASP CA  HA   sing N N 60  
ASP C   O    doub N N 61  
ASP C   OXT  sing N N 62  
ASP CB  CG   sing N N 63  
ASP CB  HB2  sing N N 64  
ASP CB  HB3  sing N N 65  
ASP CG  OD1  doub N N 66  
ASP CG  OD2  sing N N 67  
ASP OD2 HD2  sing N N 68  
ASP OXT HXT  sing N N 69  
GLN N   CA   sing N N 70  
GLN N   H    sing N N 71  
GLN N   H2   sing N N 72  
GLN CA  C    sing N N 73  
GLN CA  CB   sing N N 74  
GLN CA  HA   sing N N 75  
GLN C   O    doub N N 76  
GLN C   OXT  sing N N 77  
GLN CB  CG   sing N N 78  
GLN CB  HB2  sing N N 79  
GLN CB  HB3  sing N N 80  
GLN CG  CD   sing N N 81  
GLN CG  HG2  sing N N 82  
GLN CG  HG3  sing N N 83  
GLN CD  OE1  doub N N 84  
GLN CD  NE2  sing N N 85  
GLN NE2 HE21 sing N N 86  
GLN NE2 HE22 sing N N 87  
GLN OXT HXT  sing N N 88  
GLU N   CA   sing N N 89  
GLU N   H    sing N N 90  
GLU N   H2   sing N N 91  
GLU CA  C    sing N N 92  
GLU CA  CB   sing N N 93  
GLU CA  HA   sing N N 94  
GLU C   O    doub N N 95  
GLU C   OXT  sing N N 96  
GLU CB  CG   sing N N 97  
GLU CB  HB2  sing N N 98  
GLU CB  HB3  sing N N 99  
GLU CG  CD   sing N N 100 
GLU CG  HG2  sing N N 101 
GLU CG  HG3  sing N N 102 
GLU CD  OE1  doub N N 103 
GLU CD  OE2  sing N N 104 
GLU OE2 HE2  sing N N 105 
GLU OXT HXT  sing N N 106 
GLY N   CA   sing N N 107 
GLY N   H    sing N N 108 
GLY N   H2   sing N N 109 
GLY CA  C    sing N N 110 
GLY CA  HA2  sing N N 111 
GLY CA  HA3  sing N N 112 
GLY C   O    doub N N 113 
GLY C   OXT  sing N N 114 
GLY OXT HXT  sing N N 115 
HIS N   CA   sing N N 116 
HIS N   H    sing N N 117 
HIS N   H2   sing N N 118 
HIS CA  C    sing N N 119 
HIS CA  CB   sing N N 120 
HIS CA  HA   sing N N 121 
HIS C   O    doub N N 122 
HIS C   OXT  sing N N 123 
HIS CB  CG   sing N N 124 
HIS CB  HB2  sing N N 125 
HIS CB  HB3  sing N N 126 
HIS CG  ND1  sing Y N 127 
HIS CG  CD2  doub Y N 128 
HIS ND1 CE1  doub Y N 129 
HIS ND1 HD1  sing N N 130 
HIS CD2 NE2  sing Y N 131 
HIS CD2 HD2  sing N N 132 
HIS CE1 NE2  sing Y N 133 
HIS CE1 HE1  sing N N 134 
HIS NE2 HE2  sing N N 135 
HIS OXT HXT  sing N N 136 
HOH O   H1   sing N N 137 
HOH O   H2   sing N N 138 
ILE N   CA   sing N N 139 
ILE N   H    sing N N 140 
ILE N   H2   sing N N 141 
ILE CA  C    sing N N 142 
ILE CA  CB   sing N N 143 
ILE CA  HA   sing N N 144 
ILE C   O    doub N N 145 
ILE C   OXT  sing N N 146 
ILE CB  CG1  sing N N 147 
ILE CB  CG2  sing N N 148 
ILE CB  HB   sing N N 149 
ILE CG1 CD1  sing N N 150 
ILE CG1 HG12 sing N N 151 
ILE CG1 HG13 sing N N 152 
ILE CG2 HG21 sing N N 153 
ILE CG2 HG22 sing N N 154 
ILE CG2 HG23 sing N N 155 
ILE CD1 HD11 sing N N 156 
ILE CD1 HD12 sing N N 157 
ILE CD1 HD13 sing N N 158 
ILE OXT HXT  sing N N 159 
LEU N   CA   sing N N 160 
LEU N   H    sing N N 161 
LEU N   H2   sing N N 162 
LEU CA  C    sing N N 163 
LEU CA  CB   sing N N 164 
LEU CA  HA   sing N N 165 
LEU C   O    doub N N 166 
LEU C   OXT  sing N N 167 
LEU CB  CG   sing N N 168 
LEU CB  HB2  sing N N 169 
LEU CB  HB3  sing N N 170 
LEU CG  CD1  sing N N 171 
LEU CG  CD2  sing N N 172 
LEU CG  HG   sing N N 173 
LEU CD1 HD11 sing N N 174 
LEU CD1 HD12 sing N N 175 
LEU CD1 HD13 sing N N 176 
LEU CD2 HD21 sing N N 177 
LEU CD2 HD22 sing N N 178 
LEU CD2 HD23 sing N N 179 
LEU OXT HXT  sing N N 180 
LYS N   CA   sing N N 181 
LYS N   H    sing N N 182 
LYS N   H2   sing N N 183 
LYS CA  C    sing N N 184 
LYS CA  CB   sing N N 185 
LYS CA  HA   sing N N 186 
LYS C   O    doub N N 187 
LYS C   OXT  sing N N 188 
LYS CB  CG   sing N N 189 
LYS CB  HB2  sing N N 190 
LYS CB  HB3  sing N N 191 
LYS CG  CD   sing N N 192 
LYS CG  HG2  sing N N 193 
LYS CG  HG3  sing N N 194 
LYS CD  CE   sing N N 195 
LYS CD  HD2  sing N N 196 
LYS CD  HD3  sing N N 197 
LYS CE  NZ   sing N N 198 
LYS CE  HE2  sing N N 199 
LYS CE  HE3  sing N N 200 
LYS NZ  HZ1  sing N N 201 
LYS NZ  HZ2  sing N N 202 
LYS NZ  HZ3  sing N N 203 
LYS OXT HXT  sing N N 204 
MSE N   CA   sing N N 205 
MSE N   H    sing N N 206 
MSE N   H2   sing N N 207 
MSE CA  C    sing N N 208 
MSE CA  CB   sing N N 209 
MSE CA  HA   sing N N 210 
MSE C   O    doub N N 211 
MSE C   OXT  sing N N 212 
MSE OXT HXT  sing N N 213 
MSE CB  CG   sing N N 214 
MSE CB  HB2  sing N N 215 
MSE CB  HB3  sing N N 216 
MSE CG  SE   sing N N 217 
MSE CG  HG2  sing N N 218 
MSE CG  HG3  sing N N 219 
MSE SE  CE   sing N N 220 
MSE CE  HE1  sing N N 221 
MSE CE  HE2  sing N N 222 
MSE CE  HE3  sing N N 223 
PRO N   CA   sing N N 224 
PRO N   CD   sing N N 225 
PRO N   H    sing N N 226 
PRO CA  C    sing N N 227 
PRO CA  CB   sing N N 228 
PRO CA  HA   sing N N 229 
PRO C   O    doub N N 230 
PRO C   OXT  sing N N 231 
PRO CB  CG   sing N N 232 
PRO CB  HB2  sing N N 233 
PRO CB  HB3  sing N N 234 
PRO CG  CD   sing N N 235 
PRO CG  HG2  sing N N 236 
PRO CG  HG3  sing N N 237 
PRO CD  HD2  sing N N 238 
PRO CD  HD3  sing N N 239 
PRO OXT HXT  sing N N 240 
SER N   CA   sing N N 241 
SER N   H    sing N N 242 
SER N   H2   sing N N 243 
SER CA  C    sing N N 244 
SER CA  CB   sing N N 245 
SER CA  HA   sing N N 246 
SER C   O    doub N N 247 
SER C   OXT  sing N N 248 
SER CB  OG   sing N N 249 
SER CB  HB2  sing N N 250 
SER CB  HB3  sing N N 251 
SER OG  HG   sing N N 252 
SER OXT HXT  sing N N 253 
THR N   CA   sing N N 254 
THR N   H    sing N N 255 
THR N   H2   sing N N 256 
THR CA  C    sing N N 257 
THR CA  CB   sing N N 258 
THR CA  HA   sing N N 259 
THR C   O    doub N N 260 
THR C   OXT  sing N N 261 
THR CB  OG1  sing N N 262 
THR CB  CG2  sing N N 263 
THR CB  HB   sing N N 264 
THR OG1 HG1  sing N N 265 
THR CG2 HG21 sing N N 266 
THR CG2 HG22 sing N N 267 
THR CG2 HG23 sing N N 268 
THR OXT HXT  sing N N 269 
VAL N   CA   sing N N 270 
VAL N   H    sing N N 271 
VAL N   H2   sing N N 272 
VAL CA  C    sing N N 273 
VAL CA  CB   sing N N 274 
VAL CA  HA   sing N N 275 
VAL C   O    doub N N 276 
VAL C   OXT  sing N N 277 
VAL CB  CG1  sing N N 278 
VAL CB  CG2  sing N N 279 
VAL CB  HB   sing N N 280 
VAL CG1 HG11 sing N N 281 
VAL CG1 HG12 sing N N 282 
VAL CG1 HG13 sing N N 283 
VAL CG2 HG21 sing N N 284 
VAL CG2 HG22 sing N N 285 
VAL CG2 HG23 sing N N 286 
VAL OXT HXT  sing N N 287 
# 
_atom_sites.entry_id                    5ABS 
_atom_sites.fract_transf_matrix[1][1]   0.01921980 
_atom_sites.fract_transf_matrix[1][2]   -0.00713259 
_atom_sites.fract_transf_matrix[1][3]   -0.01934264 
_atom_sites.fract_transf_matrix[2][1]   -0.00818139 
_atom_sites.fract_transf_matrix[2][2]   -0.00739717 
_atom_sites.fract_transf_matrix[2][3]   -0.02593725 
_atom_sites.fract_transf_matrix[3][1]   0.00067677 
_atom_sites.fract_transf_matrix[3][2]   0.01060314 
_atom_sites.fract_transf_matrix[3][3]   -0.00323743 
_atom_sites.fract_transf_vector[1]      0.811710 
_atom_sites.fract_transf_vector[2]      0.454857 
_atom_sites.fract_transf_vector[3]      0.586511 
# 
loop_
_atom_type.symbol 
C  
N  
O  
SE 
ZN 
# 
loop_
_atom_site.group_PDB 
_atom_site.id 
_atom_site.type_symbol 
_atom_site.label_atom_id 
_atom_site.label_alt_id 
_atom_site.label_comp_id 
_atom_site.label_asym_id 
_atom_site.label_entity_id 
_atom_site.label_seq_id 
_atom_site.pdbx_PDB_ins_code 
_atom_site.Cartn_x 
_atom_site.Cartn_y 
_atom_site.Cartn_z 
_atom_site.occupancy 
_atom_site.B_iso_or_equiv 
_atom_site.pdbx_formal_charge 
_atom_site.auth_seq_id 
_atom_site.auth_comp_id 
_atom_site.auth_asym_id 
_atom_site.auth_atom_id 
_atom_site.pdbx_PDB_model_num 
ATOM   1   N  N   . GLY A 1 1  ? -16.663 -22.654 -4.672  1.00 79.98 ? 597  GLY A N   1 
ATOM   2   C  CA  . GLY A 1 1  ? -15.918 -23.928 -4.429  1.00 79.28 ? 597  GLY A CA  1 
ATOM   3   C  C   . GLY A 1 1  ? -16.036 -24.359 -2.975  1.00 79.06 ? 597  GLY A C   1 
ATOM   4   O  O   . GLY A 1 1  ? -15.973 -23.507 -2.075  1.00 80.02 ? 597  GLY A O   1 
ATOM   5   N  N   . HIS A 1 2  ? -16.195 -25.667 -2.745  1.00 68.78 ? 598  HIS A N   1 
ATOM   6   C  CA  . HIS A 1 2  ? -16.386 -26.196 -1.389  1.00 60.87 ? 598  HIS A CA  1 
ATOM   7   C  C   . HIS A 1 2  ? -15.997 -27.682 -1.190  1.00 62.19 ? 598  HIS A C   1 
ATOM   8   O  O   . HIS A 1 2  ? -16.596 -28.569 -1.832  1.00 54.70 ? 598  HIS A O   1 
ATOM   9   C  CB  . HIS A 1 2  ? -17.858 -26.005 -0.985  1.00 66.20 ? 598  HIS A CB  1 
ATOM   10  C  CG  . HIS A 1 2  ? -18.178 -26.555 0.368   1.00 55.57 ? 598  HIS A CG  1 
ATOM   11  N  ND1 . HIS A 1 2  ? -17.326 -26.415 1.437   1.00 57.20 ? 598  HIS A ND1 1 
ATOM   12  C  CD2 . HIS A 1 2  ? -19.220 -27.298 0.805   1.00 60.13 ? 598  HIS A CD2 1 
ATOM   13  C  CE1 . HIS A 1 2  ? -17.829 -27.048 2.479   1.00 57.01 ? 598  HIS A CE1 1 
ATOM   14  N  NE2 . HIS A 1 2  ? -18.981 -27.588 2.119   1.00 56.95 ? 598  HIS A NE2 1 
HETATM 15  N  N   . MSE A 1 3  ? -15.052 -27.934 -0.260  1.00 56.44 ? 599  MSE A N   1 
HETATM 16  C  CA  . MSE A 1 3  ? -14.569 -29.300 0.089   1.00 62.48 ? 599  MSE A CA  1 
HETATM 17  C  C   . MSE A 1 3  ? -14.612 -29.571 1.609   1.00 58.75 ? 599  MSE A C   1 
HETATM 18  O  O   . MSE A 1 3  ? -14.209 -28.722 2.433   1.00 56.78 ? 599  MSE A O   1 
HETATM 19  C  CB  . MSE A 1 3  ? -13.165 -29.587 -0.491  1.00 65.83 ? 599  MSE A CB  1 
ATOM   20  N  N   . GLU A 1 4  ? -15.118 -30.763 1.979   1.00 56.33 ? 600  GLU A N   1 
ATOM   21  C  CA  . GLU A 1 4  ? -15.324 -31.155 3.393   1.00 50.98 ? 600  GLU A CA  1 
ATOM   22  C  C   . GLU A 1 4  ? -13.977 -31.223 4.087   1.00 53.14 ? 600  GLU A C   1 
ATOM   23  O  O   . GLU A 1 4  ? -13.029 -31.716 3.490   1.00 52.72 ? 600  GLU A O   1 
ATOM   24  C  CB  . GLU A 1 4  ? -15.996 -32.537 3.514   1.00 49.65 ? 600  GLU A CB  1 
ATOM   25  C  CG  . GLU A 1 4  ? -17.422 -32.598 2.979   1.00 45.41 ? 600  GLU A CG  1 
ATOM   26  C  CD  . GLU A 1 4  ? -18.251 -31.488 3.635   1.00 44.58 ? 600  GLU A CD  1 
ATOM   27  O  OE1 . GLU A 1 4  ? -18.397 -31.546 4.893   1.00 44.65 ? 600  GLU A OE1 1 
ATOM   28  O  OE2 . GLU A 1 4  ? -18.638 -30.549 2.918   1.00 40.18 ? 600  GLU A OE2 1 
ATOM   29  N  N   . PRO A 1 5  ? -13.901 -30.786 5.354   1.00 56.95 ? 601  PRO A N   1 
ATOM   30  C  CA  . PRO A 1 5  ? -12.662 -30.954 6.134   1.00 58.65 ? 601  PRO A CA  1 
ATOM   31  C  C   . PRO A 1 5  ? -12.271 -32.408 6.296   1.00 57.96 ? 601  PRO A C   1 
ATOM   32  O  O   . PRO A 1 5  ? -13.143 -33.270 6.334   1.00 49.33 ? 601  PRO A O   1 
ATOM   33  C  CB  . PRO A 1 5  ? -13.015 -30.383 7.509   1.00 59.76 ? 601  PRO A CB  1 
ATOM   34  C  CG  . PRO A 1 5  ? -14.212 -29.530 7.276   1.00 63.99 ? 601  PRO A CG  1 
ATOM   35  C  CD  . PRO A 1 5  ? -14.972 -30.190 6.169   1.00 57.97 ? 601  PRO A CD  1 
ATOM   36  N  N   . ALA A 1 6  ? -10.972 -32.681 6.396   1.00 54.92 ? 602  ALA A N   1 
ATOM   37  C  CA  . ALA A 1 6  ? -10.505 -34.049 6.676   1.00 52.50 ? 602  ALA A CA  1 
ATOM   38  C  C   . ALA A 1 6  ? -10.970 -34.449 8.053   1.00 54.17 ? 602  ALA A C   1 
ATOM   39  O  O   . ALA A 1 6  ? -11.028 -33.593 8.953   1.00 63.28 ? 602  ALA A O   1 
ATOM   40  C  CB  . ALA A 1 6  ? -8.997  -34.094 6.629   1.00 50.75 ? 602  ALA A CB  1 
ATOM   41  N  N   . ALA A 1 7  ? -11.299 -35.726 8.222   1.00 55.38 ? 603  ALA A N   1 
ATOM   42  C  CA  . ALA A 1 7  ? -11.671 -36.276 9.547   1.00 62.01 ? 603  ALA A CA  1 
ATOM   43  C  C   . ALA A 1 7  ? -10.488 -36.862 10.351  1.00 58.35 ? 603  ALA A C   1 
ATOM   44  O  O   . ALA A 1 7  ? -10.409 -36.653 11.571  1.00 68.51 ? 603  ALA A O   1 
ATOM   45  C  CB  . ALA A 1 7  ? -12.760 -37.331 9.369   1.00 60.61 ? 603  ALA A CB  1 
ATOM   46  N  N   . SER A 1 8  ? -9.646  -37.650 9.668   1.00 50.98 ? 604  SER A N   1 
ATOM   47  C  CA  . SER A 1 8  ? -8.307  -38.110 10.112  1.00 44.05 ? 604  SER A CA  1 
ATOM   48  C  C   . SER A 1 8  ? -7.517  -36.952 10.770  1.00 46.86 ? 604  SER A C   1 
ATOM   49  O  O   . SER A 1 8  ? -7.418  -35.870 10.185  1.00 40.15 ? 604  SER A O   1 
ATOM   50  C  CB  . SER A 1 8  ? -7.555  -38.620 8.852   1.00 49.13 ? 604  SER A CB  1 
ATOM   51  O  OG  . SER A 1 8  ? -6.120  -38.668 9.041   1.00 67.50 ? 604  SER A OG  1 
ATOM   52  N  N   . SER A 1 9  ? -6.987  -37.125 11.975  1.00 45.50 ? 605  SER A N   1 
ATOM   53  C  CA  . SER A 1 9  ? -6.255  -36.031 12.621  1.00 47.10 ? 605  SER A CA  1 
ATOM   54  C  C   . SER A 1 9  ? -5.009  -35.562 11.839  1.00 40.88 ? 605  SER A C   1 
ATOM   55  O  O   . SER A 1 9  ? -4.797  -34.360 11.768  1.00 37.70 ? 605  SER A O   1 
ATOM   56  C  CB  . SER A 1 9  ? -5.883  -36.327 14.073  1.00 52.98 ? 605  SER A CB  1 
ATOM   57  O  OG  . SER A 1 9  ? -6.912  -35.841 14.916  1.00 57.08 ? 605  SER A OG  1 
ATOM   58  N  N   . GLN A 1 10 ? -4.229  -36.487 11.274  1.00 37.97 ? 606  GLN A N   1 
ATOM   59  C  CA  . GLN A 1 10 ? -3.038  -36.110 10.535  1.00 42.05 ? 606  GLN A CA  1 
ATOM   60  C  C   . GLN A 1 10 ? -3.387  -35.355 9.286   1.00 39.59 ? 606  GLN A C   1 
ATOM   61  O  O   . GLN A 1 10 ? -2.695  -34.412 8.929   1.00 38.35 ? 606  GLN A O   1 
ATOM   62  C  CB  . GLN A 1 10 ? -2.146  -37.292 10.135  1.00 48.34 ? 606  GLN A CB  1 
ATOM   63  C  CG  . GLN A 1 10 ? -0.858  -37.417 10.949  1.00 56.89 ? 606  GLN A CG  1 
ATOM   64  C  CD  . GLN A 1 10 ? 0.184   -38.242 10.196  1.00 64.10 ? 606  GLN A CD  1 
ATOM   65  O  OE1 . GLN A 1 10 ? 1.359   -37.857 10.113  1.00 65.92 ? 606  GLN A OE1 1 
ATOM   66  N  NE2 . GLN A 1 10 ? -0.252  -39.379 9.616   1.00 61.53 ? 606  GLN A NE2 1 
ATOM   67  N  N   . ALA A 1 11 ? -4.445  -35.772 8.607   1.00 35.42 ? 607  ALA A N   1 
ATOM   68  C  CA  . ALA A 1 11 ? -4.864  -35.055 7.437   1.00 34.16 ? 607  ALA A CA  1 
ATOM   69  C  C   . ALA A 1 11 ? -5.357  -33.636 7.823   1.00 32.53 ? 607  ALA A C   1 
ATOM   70  O  O   . ALA A 1 11 ? -5.064  -32.644 7.128   1.00 30.20 ? 607  ALA A O   1 
ATOM   71  C  CB  . ALA A 1 11 ? -5.943  -35.846 6.723   1.00 35.14 ? 607  ALA A CB  1 
ATOM   72  N  N   . ALA A 1 12 ? -6.074  -33.535 8.955   1.00 29.24 ? 608  ALA A N   1 
ATOM   73  C  CA  . ALA A 1 12 ? -6.580  -32.271 9.394   1.00 28.44 ? 608  ALA A CA  1 
ATOM   74  C  C   . ALA A 1 12 ? -5.469  -31.282 9.753   1.00 30.91 ? 608  ALA A C   1 
ATOM   75  O  O   . ALA A 1 12 ? -5.550  -30.111 9.428   1.00 30.27 ? 608  ALA A O   1 
ATOM   76  C  CB  . ALA A 1 12 ? -7.568  -32.461 10.523  1.00 32.51 ? 608  ALA A CB  1 
ATOM   77  N  N   . VAL A 1 13 ? -4.430  -31.784 10.421  1.00 31.11 ? 609  VAL A N   1 
ATOM   78  C  CA  . VAL A 1 13 ? -3.224  -31.004 10.742  1.00 32.56 ? 609  VAL A CA  1 
ATOM   79  C  C   . VAL A 1 13 ? -2.556  -30.473 9.459   1.00 30.76 ? 609  VAL A C   1 
ATOM   80  O  O   . VAL A 1 13 ? -2.173  -29.295 9.415   1.00 32.84 ? 609  VAL A O   1 
ATOM   81  C  CB  . VAL A 1 13 ? -2.241  -31.838 11.610  1.00 36.89 ? 609  VAL A CB  1 
ATOM   82  C  CG1 . VAL A 1 13 ? -0.782  -31.313 11.579  1.00 42.38 ? 609  VAL A CG1 1 
ATOM   83  C  CG2 . VAL A 1 13 ? -2.788  -31.871 13.026  1.00 43.07 ? 609  VAL A CG2 1 
ATOM   84  N  N   . GLU A 1 14 ? -2.435  -31.321 8.452   1.00 33.10 ? 610  GLU A N   1 
ATOM   85  C  CA  . GLU A 1 14 ? -1.822  -30.938 7.202   1.00 34.93 ? 610  GLU A CA  1 
ATOM   86  C  C   . GLU A 1 14 ? -2.614  -29.904 6.427   1.00 35.44 ? 610  GLU A C   1 
ATOM   87  O  O   . GLU A 1 14 ? -2.026  -28.979 5.884   1.00 32.63 ? 610  GLU A O   1 
ATOM   88  C  CB  . GLU A 1 14 ? -1.474  -32.156 6.345   1.00 38.64 ? 610  GLU A CB  1 
ATOM   89  C  CG  . GLU A 1 14 ? -0.286  -32.844 6.971   1.00 48.79 ? 610  GLU A CG  1 
ATOM   90  C  CD  . GLU A 1 14 ? -0.028  -34.235 6.475   1.00 59.72 ? 610  GLU A CD  1 
ATOM   91  O  OE1 . GLU A 1 14 ? -0.506  -34.566 5.348   1.00 56.12 ? 610  GLU A OE1 1 
ATOM   92  O  OE2 . GLU A 1 14 ? 0.675   -34.986 7.234   1.00 63.49 ? 610  GLU A OE2 1 
ATOM   93  N  N   . GLU A 1 15 ? -3.939  -30.005 6.411   1.00 33.76 ? 611  GLU A N   1 
ATOM   94  C  CA  . GLU A 1 15 ? -4.782  -28.924 5.915   1.00 34.55 ? 611  GLU A CA  1 
ATOM   95  C  C   . GLU A 1 15 ? -4.603  -27.593 6.643   1.00 28.88 ? 611  GLU A C   1 
ATOM   96  O  O   . GLU A 1 15 ? -4.567  -26.548 6.018   1.00 32.17 ? 611  GLU A O   1 
ATOM   97  C  CB  . GLU A 1 15 ? -6.273  -29.314 5.933   1.00 40.51 ? 611  GLU A CB  1 
ATOM   98  C  CG  . GLU A 1 15 ? -6.657  -30.354 4.896   1.00 51.05 ? 611  GLU A CG  1 
ATOM   99  C  CD  . GLU A 1 15 ? -8.193  -30.572 4.722   1.00 62.19 ? 611  GLU A CD  1 
ATOM   100 O  OE1 . GLU A 1 15 ? -9.028  -30.318 5.659   1.00 55.89 ? 611  GLU A OE1 1 
ATOM   101 O  OE2 . GLU A 1 15 ? -8.566  -31.016 3.601   1.00 70.59 ? 611  GLU A OE2 1 
ATOM   102 N  N   . LEU A 1 16 ? -4.484  -27.618 7.966   1.00 29.77 ? 612  LEU A N   1 
ATOM   103 C  CA  . LEU A 1 16 ? -4.305  -26.420 8.731   1.00 33.43 ? 612  LEU A CA  1 
ATOM   104 C  C   . LEU A 1 16 ? -2.909  -25.803 8.466   1.00 34.16 ? 612  LEU A C   1 
ATOM   105 O  O   . LEU A 1 16 ? -2.784  -24.587 8.325   1.00 33.26 ? 612  LEU A O   1 
ATOM   106 C  CB  . LEU A 1 16 ? -4.503  -26.642 10.237  1.00 35.02 ? 612  LEU A CB  1 
ATOM   107 C  CG  . LEU A 1 16 ? -5.987  -26.728 10.664  1.00 41.70 ? 612  LEU A CG  1 
ATOM   108 C  CD1 . LEU A 1 16 ? -6.079  -27.296 12.062  1.00 42.15 ? 612  LEU A CD1 1 
ATOM   109 C  CD2 . LEU A 1 16 ? -6.695  -25.388 10.559  1.00 42.53 ? 612  LEU A CD2 1 
ATOM   110 N  N   . ARG A 1 17 ? -1.936  -26.651 8.287   1.00 31.91 ? 613  ARG A N   1 
ATOM   111 C  CA  . ARG A 1 17 ? -0.603  -26.206 7.847   1.00 36.21 ? 613  ARG A CA  1 
ATOM   112 C  C   . ARG A 1 17 ? -0.681  -25.438 6.498   1.00 32.97 ? 613  ARG A C   1 
ATOM   113 O  O   . ARG A 1 17 ? -0.093  -24.381 6.318   1.00 31.47 ? 613  ARG A O   1 
ATOM   114 C  CB  . ARG A 1 17 ? 0.298   -27.433 7.668   1.00 39.08 ? 613  ARG A CB  1 
ATOM   115 C  CG  . ARG A 1 17 ? 1.727   -27.185 7.943   1.00 47.38 ? 613  ARG A CG  1 
ATOM   116 C  CD  . ARG A 1 17 ? 2.436   -28.506 8.118   1.00 51.49 ? 613  ARG A CD  1 
ATOM   117 N  NE  . ARG A 1 17 ? 2.409   -29.037 9.467   1.00 50.10 ? 613  ARG A NE  1 
ATOM   118 C  CZ  . ARG A 1 17 ? 2.534   -30.323 9.793   1.00 51.07 ? 613  ARG A CZ  1 
ATOM   119 N  NH1 . ARG A 1 17 ? 2.550   -31.299 8.855   1.00 53.51 ? 613  ARG A NH1 1 
ATOM   120 N  NH2 . ARG A 1 17 ? 2.589   -30.658 11.073  1.00 45.22 ? 613  ARG A NH2 1 
ATOM   121 N  N   . THR A 1 18 ? -1.395  -26.003 5.562   1.00 31.09 ? 614  THR A N   1 
ATOM   122 C  CA  . THR A 1 18 ? -1.625  -25.364 4.289   1.00 34.37 ? 614  THR A CA  1 
ATOM   123 C  C   . THR A 1 18 ? -2.299  -23.993 4.418   1.00 33.59 ? 614  THR A C   1 
ATOM   124 O  O   . THR A 1 18 ? -1.905  -23.068 3.749   1.00 34.77 ? 614  THR A O   1 
ATOM   125 C  CB  . THR A 1 18 ? -2.392  -26.300 3.342   1.00 32.76 ? 614  THR A CB  1 
ATOM   126 O  OG1 . THR A 1 18 ? -1.608  -27.482 3.139   1.00 38.34 ? 614  THR A OG1 1 
ATOM   127 C  CG2 . THR A 1 18 ? -2.635  -25.628 1.989   1.00 37.87 ? 614  THR A CG2 1 
ATOM   128 N  N   . GLN A 1 19 ? -3.344  -23.890 5.237   1.00 33.76 ? 615  GLN A N   1 
ATOM   129 C  CA  . GLN A 1 19 ? -4.032  -22.649 5.467   1.00 34.98 ? 615  GLN A CA  1 
ATOM   130 C  C   . GLN A 1 19 ? -3.174  -21.586 6.176   1.00 35.38 ? 615  GLN A C   1 
ATOM   131 O  O   . GLN A 1 19 ? -3.273  -20.401 5.906   1.00 32.22 ? 615  GLN A O   1 
ATOM   132 C  CB  . GLN A 1 19 ? -5.298  -22.898 6.286   1.00 35.95 ? 615  GLN A CB  1 
ATOM   133 C  CG  . GLN A 1 19 ? -6.422  -23.574 5.493   1.00 42.14 ? 615  GLN A CG  1 
ATOM   134 C  CD  . GLN A 1 19 ? -7.619  -23.971 6.377   1.00 52.42 ? 615  GLN A CD  1 
ATOM   135 O  OE1 . GLN A 1 19 ? -7.774  -23.479 7.477   1.00 63.26 ? 615  GLN A OE1 1 
ATOM   136 N  NE2 . GLN A 1 19 ? -8.442  -24.887 5.906   1.00 53.48 ? 615  GLN A NE2 1 
ATOM   137 N  N   . VAL A 1 20 ? -2.328  -22.018 7.078   1.00 36.82 ? 616  VAL A N   1 
ATOM   138 C  CA  . VAL A 1 20 ? -1.339  -21.143 7.636   1.00 39.86 ? 616  VAL A CA  1 
ATOM   139 C  C   . VAL A 1 20 ? -0.373  -20.635 6.539   1.00 36.71 ? 616  VAL A C   1 
ATOM   140 O  O   . VAL A 1 20 ? -0.143  -19.443 6.496   1.00 39.75 ? 616  VAL A O   1 
ATOM   141 C  CB  . VAL A 1 20 ? -0.589  -21.792 8.815   1.00 38.93 ? 616  VAL A CB  1 
ATOM   142 C  CG1 . VAL A 1 20 ? 0.647   -20.987 9.199   1.00 47.80 ? 616  VAL A CG1 1 
ATOM   143 C  CG2 . VAL A 1 20 ? -1.522  -21.930 9.999   1.00 38.92 ? 616  VAL A CG2 1 
ATOM   144 N  N   . ARG A 1 21 ? 0.213   -21.492 5.710   1.00 36.70 ? 617  ARG A N   1 
ATOM   145 C  CA  . ARG A 1 21 ? 1.019   -21.019 4.541   1.00 40.67 ? 617  ARG A CA  1 
ATOM   146 C  C   . ARG A 1 21 ? 0.230   -20.034 3.653   1.00 42.73 ? 617  ARG A C   1 
ATOM   147 O  O   . ARG A 1 21 ? 0.783   -19.017 3.241   1.00 44.18 ? 617  ARG A O   1 
ATOM   148 C  CB  . ARG A 1 21 ? 1.591   -22.148 3.660   1.00 41.49 ? 617  ARG A CB  1 
ATOM   149 C  CG  . ARG A 1 21 ? 2.695   -23.049 4.238   1.00 46.07 ? 617  ARG A CG  1 
ATOM   150 C  CD  . ARG A 1 21 ? 3.411   -23.908 3.145   1.00 47.54 ? 617  ARG A CD  1 
ATOM   151 N  NE  . ARG A 1 21 ? 2.515   -24.721 2.282   1.00 48.91 ? 617  ARG A NE  1 
ATOM   152 C  CZ  . ARG A 1 21 ? 1.922   -25.877 2.625   1.00 49.01 ? 617  ARG A CZ  1 
ATOM   153 N  NH1 . ARG A 1 21 ? 2.110   -26.445 3.827   1.00 46.71 ? 617  ARG A NH1 1 
ATOM   154 N  NH2 . ARG A 1 21 ? 1.101   -26.481 1.747   1.00 50.63 ? 617  ARG A NH2 1 
ATOM   155 N  N   . GLU A 1 22 ? -1.064  -20.261 3.430   1.00 37.96 ? 618  GLU A N   1 
ATOM   156 C  CA  . GLU A 1 22 ? -1.888  -19.346 2.623   1.00 39.53 ? 618  GLU A CA  1 
ATOM   157 C  C   . GLU A 1 22 ? -2.154  -17.997 3.328   1.00 41.15 ? 618  GLU A C   1 
ATOM   158 O  O   . GLU A 1 22 ? -2.068  -16.905 2.718   1.00 39.27 ? 618  GLU A O   1 
ATOM   159 C  CB  . GLU A 1 22 ? -3.206  -20.053 2.167   1.00 49.99 ? 618  GLU A CB  1 
ATOM   160 C  CG  . GLU A 1 22 ? -3.037  -21.017 0.973   1.00 60.44 ? 618  GLU A CG  1 
ATOM   161 C  CD  . GLU A 1 22 ? -4.175  -22.091 0.780   1.00 68.16 ? 618  GLU A CD  1 
ATOM   162 O  OE1 . GLU A 1 22 ? -5.026  -22.334 1.695   1.00 66.49 ? 618  GLU A OE1 1 
ATOM   163 O  OE2 . GLU A 1 22 ? -4.205  -22.739 -0.314  1.00 60.45 ? 618  GLU A OE2 1 
ATOM   164 N  N   . LEU A 1 23 ? -2.417  -18.013 4.629   1.00 45.06 ? 619  LEU A N   1 
ATOM   165 C  CA  . LEU A 1 23 ? -2.592  -16.767 5.331   1.00 44.67 ? 619  LEU A CA  1 
ATOM   166 C  C   . LEU A 1 23 ? -1.289  -15.924 5.388   1.00 47.93 ? 619  LEU A C   1 
ATOM   167 O  O   . LEU A 1 23 ? -1.396  -14.722 5.272   1.00 43.81 ? 619  LEU A O   1 
ATOM   168 C  CB  . LEU A 1 23 ? -3.149  -16.911 6.722   1.00 48.22 ? 619  LEU A CB  1 
ATOM   169 C  CG  . LEU A 1 23 ? -4.588  -17.402 6.896   1.00 55.35 ? 619  LEU A CG  1 
ATOM   170 C  CD1 . LEU A 1 23 ? -4.900  -17.345 8.378   1.00 54.69 ? 619  LEU A CD1 1 
ATOM   171 C  CD2 . LEU A 1 23 ? -5.608  -16.622 6.084   1.00 55.05 ? 619  LEU A CD2 1 
ATOM   172 N  N   . ARG A 1 24 ? -0.122  -16.553 5.532   1.00 42.93 ? 620  ARG A N   1 
ATOM   173 C  CA  . ARG A 1 24 ? 1.165   -15.858 5.447   1.00 44.07 ? 620  ARG A CA  1 
ATOM   174 C  C   . ARG A 1 24 ? 1.274   -15.111 4.107   1.00 45.61 ? 620  ARG A C   1 
ATOM   175 O  O   . ARG A 1 24 ? 1.746   -13.996 4.057   1.00 41.78 ? 620  ARG A O   1 
ATOM   176 C  CB  . ARG A 1 24 ? 2.318   -16.824 5.511   1.00 44.11 ? 620  ARG A CB  1 
ATOM   177 C  CG  . ARG A 1 24 ? 2.742   -17.247 6.892   1.00 53.76 ? 620  ARG A CG  1 
ATOM   178 C  CD  . ARG A 1 24 ? 4.022   -18.091 6.820   1.00 55.03 ? 620  ARG A CD  1 
ATOM   179 N  NE  . ARG A 1 24 ? 4.157   -18.831 8.064   1.00 56.91 ? 620  ARG A NE  1 
ATOM   180 C  CZ  . ARG A 1 24 ? 4.500   -18.282 9.234   1.00 63.24 ? 620  ARG A CZ  1 
ATOM   181 N  NH1 . ARG A 1 24 ? 4.831   -16.974 9.331   1.00 53.36 ? 620  ARG A NH1 1 
ATOM   182 N  NH2 . ARG A 1 24 ? 4.545   -19.057 10.312  1.00 62.10 ? 620  ARG A NH2 1 
ATOM   183 N  N   . SER A 1 25 ? 0.803   -15.727 3.037   1.00 45.20 ? 621  SER A N   1 
ATOM   184 C  CA  . SER A 1 25 ? 0.842   -15.110 1.706   1.00 46.86 ? 621  SER A CA  1 
ATOM   185 C  C   . SER A 1 25 ? -0.083  -13.957 1.524   1.00 41.22 ? 621  SER A C   1 
ATOM   186 O  O   . SER A 1 25 ? 0.287   -12.978 0.925   1.00 45.00 ? 621  SER A O   1 
ATOM   187 C  CB  . SER A 1 25 ? 0.589   -16.143 0.630   1.00 49.97 ? 621  SER A CB  1 
ATOM   188 O  OG  . SER A 1 25 ? 1.816   -16.744 0.391   1.00 59.10 ? 621  SER A OG  1 
ATOM   189 N  N   . ILE A 1 26 ? -1.260  -14.044 2.091   1.00 39.60 ? 622  ILE A N   1 
ATOM   190 C  CA  . ILE A 1 26 ? -2.246  -13.012 2.025   1.00 47.97 ? 622  ILE A CA  1 
ATOM   191 C  C   . ILE A 1 26 ? -1.809  -11.765 2.783   1.00 48.48 ? 622  ILE A C   1 
ATOM   192 O  O   . ILE A 1 26 ? -1.973  -10.664 2.295   1.00 41.68 ? 622  ILE A O   1 
ATOM   193 C  CB  . ILE A 1 26 ? -3.608  -13.530 2.578   1.00 54.37 ? 622  ILE A CB  1 
ATOM   194 C  CG1 . ILE A 1 26 ? -4.230  -14.614 1.657   1.00 60.69 ? 622  ILE A CG1 1 
ATOM   195 C  CG2 . ILE A 1 26 ? -4.586  -12.405 2.831   1.00 58.16 ? 622  ILE A CG2 1 
ATOM   196 C  CD1 . ILE A 1 26 ? -4.118  -14.379 0.162   1.00 64.49 ? 622  ILE A CD1 1 
ATOM   197 N  N   . ILE A 1 27 ? -1.311  -11.966 3.987   1.00 39.80 ? 623  ILE A N   1 
ATOM   198 C  CA  . ILE A 1 27 ? -0.722  -10.941 4.809   1.00 42.69 ? 623  ILE A CA  1 
ATOM   199 C  C   . ILE A 1 27 ? 0.360   -10.180 4.030   1.00 36.25 ? 623  ILE A C   1 
ATOM   200 O  O   . ILE A 1 27 ? 0.277   -8.951  3.981   1.00 37.10 ? 623  ILE A O   1 
ATOM   201 C  CB  . ILE A 1 27 ? -0.105  -11.548 6.085   1.00 43.46 ? 623  ILE A CB  1 
ATOM   202 C  CG1 . ILE A 1 27 ? -1.215  -12.039 7.036   1.00 50.63 ? 623  ILE A CG1 1 
ATOM   203 C  CG2 . ILE A 1 27 ? 0.730   -10.536 6.885   1.00 46.49 ? 623  ILE A CG2 1 
ATOM   204 C  CD1 . ILE A 1 27 ? -0.705  -12.958 8.141   1.00 42.10 ? 623  ILE A CD1 1 
ATOM   205 N  N   . GLU A 1 28 ? 1.318   -10.895 3.426   1.00 36.86 ? 624  GLU A N   1 
ATOM   206 C  CA  . GLU A 1 28 ? 2.410   -10.231 2.662   1.00 38.12 ? 624  GLU A CA  1 
ATOM   207 C  C   . GLU A 1 28 ? 1.880   -9.438  1.466   1.00 37.99 ? 624  GLU A C   1 
ATOM   208 O  O   . GLU A 1 28 ? 2.278   -8.294  1.227   1.00 35.48 ? 624  GLU A O   1 
ATOM   209 C  CB  . GLU A 1 28 ? 3.443   -11.249 2.201   1.00 39.73 ? 624  GLU A CB  1 
ATOM   210 C  CG  . GLU A 1 28 ? 4.648   -10.693 1.396   1.00 38.93 ? 624  GLU A CG  1 
ATOM   211 C  CD  . GLU A 1 28 ? 5.569   -9.737  2.198   1.00 42.10 ? 624  GLU A CD  1 
ATOM   212 O  OE1 . GLU A 1 28 ? 5.445   -9.708  3.439   1.00 40.83 ? 624  GLU A OE1 1 
ATOM   213 O  OE2 . GLU A 1 28 ? 6.350   -8.930  1.584   1.00 37.55 ? 624  GLU A OE2 1 
ATOM   214 N  N   . THR A 1 29 ? 1.002   -10.052 0.685   1.00 38.17 ? 625  THR A N   1 
ATOM   215 C  CA  . THR A 1 29 ? 0.389   -9.397  -0.476  1.00 40.42 ? 625  THR A CA  1 
ATOM   216 C  C   . THR A 1 29 ? -0.320  -8.103  -0.171  1.00 46.09 ? 625  THR A C   1 
ATOM   217 O  O   . THR A 1 29 ? -0.056  -7.073  -0.809  1.00 42.73 ? 625  THR A O   1 
ATOM   218 C  CB  . THR A 1 29 ? -0.604  -10.354 -1.161  1.00 44.74 ? 625  THR A CB  1 
ATOM   219 O  OG1 . THR A 1 29 ? 0.179   -11.399 -1.678  1.00 43.31 ? 625  THR A OG1 1 
ATOM   220 C  CG2 . THR A 1 29 ? -1.362  -9.681  -2.363  1.00 50.44 ? 625  THR A CG2 1 
HETATM 221 N  N   A MSE A 1 30 ? -1.205  -8.120  0.817   0.50 46.64 ? 626  MSE A N   1 
HETATM 222 N  N   B MSE A 1 30 ? -1.222  -8.166  0.815   0.50 42.61 ? 626  MSE A N   1 
HETATM 223 C  CA  A MSE A 1 30 ? -1.982  -6.940  1.143   0.50 49.38 ? 626  MSE A CA  1 
HETATM 224 C  CA  B MSE A 1 30 ? -1.982  -7.017  1.278   0.50 42.63 ? 626  MSE A CA  1 
HETATM 225 C  C   A MSE A 1 30 ? -1.171  -5.894  1.878   0.50 46.01 ? 626  MSE A C   1 
HETATM 226 C  C   B MSE A 1 30 ? -1.089  -5.920  1.736   0.50 40.88 ? 626  MSE A C   1 
HETATM 227 O  O   A MSE A 1 30 ? -1.560  -4.749  1.875   0.50 48.82 ? 626  MSE A O   1 
HETATM 228 O  O   B MSE A 1 30 ? -1.323  -4.788  1.364   0.50 36.94 ? 626  MSE A O   1 
HETATM 229 C  CB  A MSE A 1 30 ? -3.284  -7.416  1.794   0.50 57.19 ? 626  MSE A CB  1 
HETATM 230 C  CB  B MSE A 1 30 ? -2.981  -7.368  2.385   0.50 46.49 ? 626  MSE A CB  1 
HETATM 231 C  CG  A MSE A 1 30 ? -3.809  -8.650  1.033   0.50 64.62 ? 626  MSE A CG  1 
HETATM 232 C  CG  B MSE A 1 30 ? -4.313  -7.723  1.716   0.50 52.59 ? 626  MSE A CG  1 
HETATM 233 SE SE  A MSE A 1 30 ? -4.846  -8.317  -0.620  0.50 82.90 ? 626  MSE A SE  1 
HETATM 234 SE SE  B MSE A 1 30 ? -5.388  -8.798  2.964   0.50 70.45 ? 626  MSE A SE  1 
HETATM 235 C  CE  A MSE A 1 30 ? -4.704  -10.118 -1.424  0.50 80.90 ? 626  MSE A CE  1 
HETATM 236 C  CE  B MSE A 1 30 ? -4.795  -7.664  4.485   0.50 55.52 ? 626  MSE A CE  1 
ATOM   237 N  N   . LYS A 1 31 ? -0.043  -6.257  2.490   1.00 41.74 ? 627  LYS A N   1 
ATOM   238 C  CA  . LYS A 1 31 ? 0.952   -5.282  2.978   1.00 42.09 ? 627  LYS A CA  1 
ATOM   239 C  C   . LYS A 1 31 ? 1.656   -4.555  1.812   1.00 37.70 ? 627  LYS A C   1 
ATOM   240 O  O   . LYS A 1 31 ? 1.863   -3.340  1.833   1.00 34.89 ? 627  LYS A O   1 
ATOM   241 C  CB  . LYS A 1 31 ? 2.020   -5.952  3.839   1.00 42.90 ? 627  LYS A CB  1 
ATOM   242 C  CG  . LYS A 1 31 ? 3.334   -5.158  3.946   1.00 51.56 ? 627  LYS A CG  1 
ATOM   243 C  CD  . LYS A 1 31 ? 4.346   -5.721  4.925   1.00 54.02 ? 627  LYS A CD  1 
ATOM   244 C  CE  . LYS A 1 31 ? 5.196   -6.818  4.322   1.00 64.43 ? 627  LYS A CE  1 
ATOM   245 N  NZ  . LYS A 1 31 ? 6.176   -6.367  3.270   1.00 63.08 ? 627  LYS A NZ  1 
ATOM   246 N  N   . ASP A 1 32 ? 2.042   -5.315  0.802   1.00 34.03 ? 628  ASP A N   1 
ATOM   247 C  CA  . ASP A 1 32 ? 2.658   -4.730  -0.367  1.00 33.36 ? 628  ASP A CA  1 
ATOM   248 C  C   . ASP A 1 32 ? 1.726   -3.804  -1.151  1.00 30.43 ? 628  ASP A C   1 
ATOM   249 O  O   . ASP A 1 32 ? 2.147   -2.778  -1.634  1.00 30.43 ? 628  ASP A O   1 
ATOM   250 C  CB  . ASP A 1 32 ? 3.193   -5.845  -1.262  1.00 34.58 ? 628  ASP A CB  1 
ATOM   251 C  CG  . ASP A 1 32 ? 4.398   -6.508  -0.680  1.00 33.75 ? 628  ASP A CG  1 
ATOM   252 O  OD1 . ASP A 1 32 ? 5.153   -5.918  0.189   1.00 37.14 ? 628  ASP A OD1 1 
ATOM   253 O  OD2 . ASP A 1 32 ? 4.603   -7.659  -1.097  1.00 34.89 ? 628  ASP A OD2 1 
ATOM   254 N  N   . GLN A 1 33 ? 0.464   -4.178  -1.269  1.00 32.96 ? 629  GLN A N   1 
ATOM   255 C  CA  . GLN A 1 33 ? -0.497  -3.396  -1.962  1.00 37.48 ? 629  GLN A CA  1 
ATOM   256 C  C   . GLN A 1 33 ? -0.790  -2.075  -1.235  1.00 40.09 ? 629  GLN A C   1 
ATOM   257 O  O   . GLN A 1 33 ? -0.903  -1.006  -1.876  1.00 33.09 ? 629  GLN A O   1 
ATOM   258 C  CB  . GLN A 1 33 ? -1.788  -4.211  -2.198  1.00 40.85 ? 629  GLN A CB  1 
ATOM   259 C  CG  . GLN A 1 33 ? -2.845  -3.433  -2.996  1.00 56.25 ? 629  GLN A CG  1 
ATOM   260 C  CD  . GLN A 1 33 ? -2.352  -2.807  -4.328  1.00 68.92 ? 629  GLN A CD  1 
ATOM   261 O  OE1 . GLN A 1 33 ? -2.010  -3.547  -5.270  1.00 77.75 ? 629  GLN A OE1 1 
ATOM   262 N  NE2 . GLN A 1 33 ? -2.318  -1.433  -4.419  1.00 58.52 ? 629  GLN A NE2 1 
ATOM   263 N  N   . GLN A 1 34 ? -0.867  -2.154  0.092   1.00 32.28 ? 630  GLN A N   1 
ATOM   264 C  CA  . GLN A 1 34 ? -0.999  -1.013  0.924   1.00 35.74 ? 630  GLN A CA  1 
ATOM   265 C  C   . GLN A 1 34 ? 0.242   -0.112  0.845   1.00 37.31 ? 630  GLN A C   1 
ATOM   266 O  O   . GLN A 1 34 ? 0.091   1.115   0.784   1.00 34.96 ? 630  GLN A O   1 
ATOM   267 C  CB  . GLN A 1 34 ? -1.245  -1.434  2.399   1.00 38.88 ? 630  GLN A CB  1 
ATOM   268 N  N   . LYS A 1 35 ? 1.451   -0.671  0.883   1.00 35.45 ? 631  LYS A N   1 
ATOM   269 C  CA  . LYS A 1 35 ? 2.643   0.117   0.632   1.00 32.51 ? 631  LYS A CA  1 
ATOM   270 C  C   . LYS A 1 35 ? 2.632   0.851   -0.714  1.00 33.03 ? 631  LYS A C   1 
ATOM   271 O  O   . LYS A 1 35 ? 2.927   2.045   -0.781  1.00 36.86 ? 631  LYS A O   1 
ATOM   272 C  CB  . LYS A 1 35 ? 3.957   -0.656  0.768   1.00 36.49 ? 631  LYS A CB  1 
ATOM   273 N  N   . ARG A 1 36 ? 2.323   0.173   -1.766  1.00 31.97 ? 632  ARG A N   1 
ATOM   274 C  CA  . ARG A 1 36 ? 2.203   0.796   -3.044  1.00 33.62 ? 632  ARG A CA  1 
ATOM   275 C  C   . ARG A 1 36 ? 1.215   2.008   -3.110  1.00 34.42 ? 632  ARG A C   1 
ATOM   276 O  O   . ARG A 1 36 ? 1.507   2.989   -3.729  1.00 32.20 ? 632  ARG A O   1 
ATOM   277 C  CB  . ARG A 1 36 ? 1.812   -0.262  -4.046  1.00 37.38 ? 632  ARG A CB  1 
ATOM   278 C  CG  . ARG A 1 36 ? 1.577   0.241   -5.448  1.00 46.64 ? 632  ARG A CG  1 
ATOM   279 C  CD  . ARG A 1 36 ? 1.695   -0.874  -6.492  1.00 56.42 ? 632  ARG A CD  1 
ATOM   280 N  NE  . ARG A 1 36 ? 0.998   -2.129  -6.141  1.00 68.96 ? 632  ARG A NE  1 
ATOM   281 C  CZ  . ARG A 1 36 ? 1.549   -3.239  -5.597  1.00 83.38 ? 632  ARG A CZ  1 
ATOM   282 N  NH1 . ARG A 1 36 ? 2.854   -3.302  -5.281  1.00 92.09 ? 632  ARG A NH1 1 
ATOM   283 N  NH2 . ARG A 1 36 ? 0.784   -4.321  -5.348  1.00 71.38 ? 632  ARG A NH2 1 
ATOM   284 N  N   . GLU A 1 37 ? 0.039   1.876   -2.514  1.00 31.22 ? 633  GLU A N   1 
ATOM   285 C  CA  . GLU A 1 37 ? -0.946  2.941   -2.437  1.00 33.61 ? 633  GLU A CA  1 
ATOM   286 C  C   . GLU A 1 37 ? -0.402  4.168   -1.691  1.00 33.22 ? 633  GLU A C   1 
ATOM   287 O  O   . GLU A 1 37 ? -0.522  5.317   -2.146  1.00 30.43 ? 633  GLU A O   1 
ATOM   288 C  CB  . GLU A 1 37 ? -2.250  2.381   -1.807  1.00 36.34 ? 633  GLU A CB  1 
ATOM   289 N  N   . ILE A 1 38 ? 0.199   3.938   -0.548  1.00 34.35 ? 634  ILE A N   1 
ATOM   290 C  CA  . ILE A 1 38 ? 0.880   5.014   0.218   1.00 33.31 ? 634  ILE A CA  1 
ATOM   291 C  C   . ILE A 1 38 ? 1.989   5.720   -0.541  1.00 32.56 ? 634  ILE A C   1 
ATOM   292 O  O   . ILE A 1 38 ? 2.120   6.942   -0.489  1.00 29.74 ? 634  ILE A O   1 
ATOM   293 C  CB  . ILE A 1 38 ? 1.424   4.479   1.547   1.00 34.29 ? 634  ILE A CB  1 
ATOM   294 C  CG1 . ILE A 1 38 ? 0.255   4.097   2.436   1.00 42.90 ? 634  ILE A CG1 1 
ATOM   295 C  CG2 . ILE A 1 38 ? 2.254   5.524   2.299   1.00 43.69 ? 634  ILE A CG2 1 
ATOM   296 C  CD1 . ILE A 1 38 ? 0.604   3.180   3.581   1.00 47.91 ? 634  ILE A CD1 1 
ATOM   297 N  N   . LYS A 1 39 ? 2.848   4.987   -1.225  1.00 33.63 ? 635  LYS A N   1 
ATOM   298 C  CA  . LYS A 1 39 ? 3.880   5.646   -1.976  1.00 35.11 ? 635  LYS A CA  1 
ATOM   299 C  C   . LYS A 1 39 ? 3.324   6.444   -3.161  1.00 33.38 ? 635  LYS A C   1 
ATOM   300 O  O   . LYS A 1 39 ? 3.913   7.447   -3.547  1.00 30.83 ? 635  LYS A O   1 
ATOM   301 C  CB  . LYS A 1 39 ? 4.931   4.626   -2.490  1.00 39.68 ? 635  LYS A CB  1 
ATOM   302 C  CG  . LYS A 1 39 ? 5.701   3.967   -1.360  1.00 42.17 ? 635  LYS A CG  1 
ATOM   303 C  CD  . LYS A 1 39 ? 6.652   4.929   -0.669  1.00 47.39 ? 635  LYS A CD  1 
ATOM   304 C  CE  . LYS A 1 39 ? 7.478   4.221   0.390   1.00 54.55 ? 635  LYS A CE  1 
ATOM   305 N  NZ  . LYS A 1 39 ? 8.016   5.216   1.361   1.00 56.18 ? 635  LYS A NZ  1 
ATOM   306 N  N   . GLN A 1 40 ? 2.215   6.005   -3.759  1.00 30.26 ? 636  GLN A N   1 
ATOM   307 C  CA  . GLN A 1 40 ? 1.594   6.795   -4.815  1.00 32.06 ? 636  GLN A CA  1 
ATOM   308 C  C   . GLN A 1 40 ? 1.038   8.128   -4.238  1.00 32.87 ? 636  GLN A C   1 
ATOM   309 O  O   . GLN A 1 40 ? 1.109   9.176   -4.875  1.00 31.82 ? 636  GLN A O   1 
ATOM   310 C  CB  . GLN A 1 40 ? 0.418   6.078   -5.452  1.00 36.28 ? 636  GLN A CB  1 
ATOM   311 C  CG  . GLN A 1 40 ? 0.751   4.978   -6.404  1.00 51.24 ? 636  GLN A CG  1 
ATOM   312 C  CD  . GLN A 1 40 ? -0.530  4.473   -7.079  1.00 62.88 ? 636  GLN A CD  1 
ATOM   313 O  OE1 . GLN A 1 40 ? -1.303  3.681   -6.499  1.00 69.80 ? 636  GLN A OE1 1 
ATOM   314 N  NE2 . GLN A 1 40 ? -0.788  4.973   -8.290  1.00 62.19 ? 636  GLN A NE2 1 
ATOM   315 N  N   . LEU A 1 41 ? 0.426   8.042   -3.079  1.00 31.23 ? 637  LEU A N   1 
ATOM   316 C  CA  . LEU A 1 41 ? -0.106  9.239   -2.387  1.00 34.12 ? 637  LEU A CA  1 
ATOM   317 C  C   . LEU A 1 41 ? 1.001   10.204  -1.984  1.00 28.52 ? 637  LEU A C   1 
ATOM   318 O  O   . LEU A 1 41 ? 0.891   11.382  -2.193  1.00 29.43 ? 637  LEU A O   1 
ATOM   319 C  CB  . LEU A 1 41 ? -0.907  8.796   -1.210  1.00 36.66 ? 637  LEU A CB  1 
ATOM   320 C  CG  . LEU A 1 41 ? -1.911  9.671   -0.494  1.00 49.98 ? 637  LEU A CG  1 
ATOM   321 C  CD1 . LEU A 1 41 ? -2.870  10.333  -1.489  1.00 54.76 ? 637  LEU A CD1 1 
ATOM   322 C  CD2 . LEU A 1 41 ? -2.690  8.782   0.486   1.00 49.84 ? 637  LEU A CD2 1 
ATOM   323 N  N   . LEU A 1 42 ? 2.095   9.684   -1.461  1.00 30.45 ? 638  LEU A N   1 
ATOM   324 C  CA  . LEU A 1 42 ? 3.281   10.475  -1.225  1.00 31.88 ? 638  LEU A CA  1 
ATOM   325 C  C   . LEU A 1 42 ? 3.862   11.196  -2.456  1.00 32.73 ? 638  LEU A C   1 
ATOM   326 O  O   . LEU A 1 42 ? 4.216   12.344  -2.349  1.00 31.67 ? 638  LEU A O   1 
ATOM   327 C  CB  . LEU A 1 42 ? 4.332   9.636   -0.531  1.00 35.10 ? 638  LEU A CB  1 
ATOM   328 C  CG  . LEU A 1 42 ? 5.649   10.260  -0.159  1.00 39.57 ? 638  LEU A CG  1 
ATOM   329 C  CD1 . LEU A 1 42 ? 5.460   11.387  0.858   1.00 44.36 ? 638  LEU A CD1 1 
ATOM   330 C  CD2 . LEU A 1 42 ? 6.554   9.203   0.452   1.00 37.43 ? 638  LEU A CD2 1 
ATOM   331 N  N   . SER A 1 43 ? 3.976   10.508  -3.600  1.00 28.28 ? 639  SER A N   1 
ATOM   332 C  CA  . SER A 1 43 ? 4.372   11.081  -4.848  1.00 32.32 ? 639  SER A CA  1 
ATOM   333 C  C   . SER A 1 43 ? 3.391   12.256  -5.260  1.00 28.56 ? 639  SER A C   1 
ATOM   334 O  O   . SER A 1 43 ? 3.844   13.319  -5.710  1.00 26.93 ? 639  SER A O   1 
ATOM   335 C  CB  . SER A 1 43 ? 4.429   9.950   -5.914  1.00 38.08 ? 639  SER A CB  1 
ATOM   336 O  OG  . SER A 1 43 ? 4.484   10.470  -7.208  1.00 49.77 ? 639  SER A OG  1 
ATOM   337 N  N   . GLU A 1 44 ? 2.090   12.036  -5.144  1.00 25.61 ? 640  GLU A N   1 
ATOM   338 C  CA  . GLU A 1 44 ? 1.140   13.080  -5.423  1.00 27.86 ? 640  GLU A CA  1 
ATOM   339 C  C   . GLU A 1 44 ? 1.314   14.325  -4.451  1.00 27.11 ? 640  GLU A C   1 
ATOM   340 O  O   . GLU A 1 44 ? 1.260   15.468  -4.873  1.00 29.47 ? 640  GLU A O   1 
ATOM   341 C  CB  . GLU A 1 44 ? -0.270  12.505  -5.325  1.00 25.94 ? 640  GLU A CB  1 
ATOM   342 C  CG  . GLU A 1 44 ? -1.255  13.494  -5.858  1.00 29.82 ? 640  GLU A CG  1 
ATOM   343 C  CD  . GLU A 1 44 ? -2.693  13.010  -5.980  1.00 28.40 ? 640  GLU A CD  1 
ATOM   344 O  OE1 . GLU A 1 44 ? -2.982  11.918  -5.515  1.00 30.83 ? 640  GLU A OE1 1 
ATOM   345 O  OE2 . GLU A 1 44 ? -3.479  13.848  -6.466  1.00 32.56 ? 640  GLU A OE2 1 
ATOM   346 N  N   . LEU A 1 45 ? 1.535   14.068  -3.168  1.00 27.68 ? 641  LEU A N   1 
ATOM   347 C  CA  . LEU A 1 45 ? 1.754   15.129  -2.212  1.00 27.25 ? 641  LEU A CA  1 
ATOM   348 C  C   . LEU A 1 45 ? 3.016   15.926  -2.566  1.00 26.64 ? 641  LEU A C   1 
ATOM   349 O  O   . LEU A 1 45 ? 2.995   17.119  -2.596  1.00 24.54 ? 641  LEU A O   1 
ATOM   350 C  CB  . LEU A 1 45 ? 1.865   14.582  -0.799  1.00 26.40 ? 641  LEU A CB  1 
ATOM   351 C  CG  . LEU A 1 45 ? 2.178   15.637  0.267   1.00 29.81 ? 641  LEU A CG  1 
ATOM   352 C  CD1 . LEU A 1 45 ? 1.175   16.780  0.311   1.00 33.91 ? 641  LEU A CD1 1 
ATOM   353 C  CD2 . LEU A 1 45 ? 2.181   14.941  1.583   1.00 33.63 ? 641  LEU A CD2 1 
ATOM   354 N  N   . ASP A 1 46 ? 4.114   15.225  -2.834  1.00 27.30 ? 642  ASP A N   1 
ATOM   355 C  CA  . ASP A 1 46 ? 5.351   15.901  -3.112  1.00 29.70 ? 642  ASP A CA  1 
ATOM   356 C  C   . ASP A 1 46 ? 5.322   16.725  -4.406  1.00 32.38 ? 642  ASP A C   1 
ATOM   357 O  O   . ASP A 1 46 ? 5.952   17.751  -4.520  1.00 27.74 ? 642  ASP A O   1 
ATOM   358 C  CB  . ASP A 1 46 ? 6.495   14.892  -3.194  1.00 32.76 ? 642  ASP A CB  1 
ATOM   359 C  CG  . ASP A 1 46 ? 6.954   14.428  -1.852  1.00 38.53 ? 642  ASP A CG  1 
ATOM   360 O  OD1 . ASP A 1 46 ? 6.379   14.831  -0.836  1.00 34.34 ? 642  ASP A OD1 1 
ATOM   361 O  OD2 . ASP A 1 46 ? 7.882   13.613  -1.800  1.00 35.93 ? 642  ASP A OD2 1 
ATOM   362 N  N   . GLU A 1 47 ? 4.558   16.281  -5.393  1.00 30.33 ? 643  GLU A N   1 
ATOM   363 C  CA  . GLU A 1 47 ? 4.379   17.067  -6.593  1.00 31.82 ? 643  GLU A CA  1 
ATOM   364 C  C   . GLU A 1 47 ? 3.597   18.384  -6.317  1.00 28.34 ? 643  GLU A C   1 
ATOM   365 O  O   . GLU A 1 47 ? 3.961   19.441  -6.763  1.00 28.36 ? 643  GLU A O   1 
ATOM   366 C  CB  . GLU A 1 47 ? 3.667   16.210  -7.589  1.00 34.06 ? 643  GLU A CB  1 
ATOM   367 C  CG  . GLU A 1 47 ? 3.258   16.857  -8.892  1.00 41.13 ? 643  GLU A CG  1 
ATOM   368 C  CD  . GLU A 1 47 ? 4.396   17.279  -9.779  1.00 47.66 ? 643  GLU A CD  1 
ATOM   369 O  OE1 . GLU A 1 47 ? 5.589   16.865  -9.567  1.00 42.22 ? 643  GLU A OE1 1 
ATOM   370 O  OE2 . GLU A 1 47 ? 4.053   18.001  -10.761 1.00 58.84 ? 643  GLU A OE2 1 
ATOM   371 N  N   . GLU A 1 48 ? 2.522   18.281  -5.564  1.00 28.74 ? 644  GLU A N   1 
ATOM   372 C  CA  . GLU A 1 48 ? 1.819   19.433  -5.063  1.00 28.76 ? 644  GLU A CA  1 
ATOM   373 C  C   . GLU A 1 48 ? 2.758   20.427  -4.327  1.00 28.16 ? 644  GLU A C   1 
ATOM   374 O  O   . GLU A 1 48 ? 2.645   21.606  -4.553  1.00 31.11 ? 644  GLU A O   1 
ATOM   375 C  CB  . GLU A 1 48 ? 0.636   19.006  -4.140  1.00 30.80 ? 644  GLU A CB  1 
ATOM   376 C  CG  . GLU A 1 48 ? -0.272  20.134  -3.610  1.00 35.00 ? 644  GLU A CG  1 
ATOM   377 C  CD  . GLU A 1 48 ? -0.719  21.177  -4.664  1.00 39.07 ? 644  GLU A CD  1 
ATOM   378 O  OE1 . GLU A 1 48 ? -0.809  20.855  -5.884  1.00 35.29 ? 644  GLU A OE1 1 
ATOM   379 O  OE2 . GLU A 1 48 ? -0.981  22.363  -4.304  1.00 35.19 ? 644  GLU A OE2 1 
ATOM   380 N  N   . LYS A 1 49 ? 3.554   19.967  -3.378  1.00 28.25 ? 645  LYS A N   1 
ATOM   381 C  CA  . LYS A 1 49 ? 4.510   20.787  -2.693  1.00 27.95 ? 645  LYS A CA  1 
ATOM   382 C  C   . LYS A 1 49 ? 5.457   21.505  -3.639  1.00 31.41 ? 645  LYS A C   1 
ATOM   383 O  O   . LYS A 1 49 ? 5.737   22.695  -3.483  1.00 28.26 ? 645  LYS A O   1 
ATOM   384 C  CB  . LYS A 1 49 ? 5.320   19.981  -1.701  1.00 31.22 ? 645  LYS A CB  1 
ATOM   385 C  CG  . LYS A 1 49 ? 4.512   19.591  -0.462  1.00 28.18 ? 645  LYS A CG  1 
ATOM   386 C  CD  . LYS A 1 49 ? 5.181   18.650  0.501   1.00 31.58 ? 645  LYS A CD  1 
ATOM   387 C  CE  . LYS A 1 49 ? 6.499   19.238  0.996   1.00 32.99 ? 645  LYS A CE  1 
ATOM   388 N  NZ  . LYS A 1 49 ? 6.891   18.499  2.230   1.00 32.23 ? 645  LYS A NZ  1 
ATOM   389 N  N   . LYS A 1 50 ? 5.913   20.788  -4.660  1.00 29.89 ? 646  LYS A N   1 
ATOM   390 C  CA  . LYS A 1 50 ? 6.744   21.369  -5.702  1.00 36.33 ? 646  LYS A CA  1 
ATOM   391 C  C   . LYS A 1 50 ? 6.066   22.497  -6.521  1.00 28.97 ? 646  LYS A C   1 
ATOM   392 O  O   . LYS A 1 50 ? 6.619   23.558  -6.740  1.00 29.19 ? 646  LYS A O   1 
ATOM   393 C  CB  . LYS A 1 50 ? 7.191   20.265  -6.677  1.00 36.43 ? 646  LYS A CB  1 
ATOM   394 C  CG  . LYS A 1 50 ? 8.163   20.832  -7.720  1.00 40.98 ? 646  LYS A CG  1 
ATOM   395 C  CD  . LYS A 1 50 ? 8.459   19.807  -8.799  1.00 44.67 ? 646  LYS A CD  1 
ATOM   396 C  CE  . LYS A 1 50 ? 7.336   19.780  -9.810  1.00 46.82 ? 646  LYS A CE  1 
ATOM   397 N  NZ  . LYS A 1 50 ? 7.747   18.829  -10.880 1.00 53.15 ? 646  LYS A NZ  1 
ATOM   398 N  N   . ILE A 1 51 ? 4.843   22.252  -6.939  1.00 28.15 ? 647  ILE A N   1 
ATOM   399 C  CA  . ILE A 1 51 ? 4.058   23.216  -7.626  1.00 28.63 ? 647  ILE A CA  1 
ATOM   400 C  C   . ILE A 1 51 ? 3.737   24.435  -6.736  1.00 32.10 ? 647  ILE A C   1 
ATOM   401 O  O   . ILE A 1 51 ? 3.701   25.596  -7.214  1.00 30.15 ? 647  ILE A O   1 
ATOM   402 C  CB  . ILE A 1 51 ? 2.796   22.547  -8.160  1.00 31.38 ? 647  ILE A CB  1 
ATOM   403 C  CG1 . ILE A 1 51 ? 3.201   21.566  -9.305  1.00 34.90 ? 647  ILE A CG1 1 
ATOM   404 C  CG2 . ILE A 1 51 ? 1.823   23.594  -8.657  1.00 34.90 ? 647  ILE A CG2 1 
ATOM   405 C  CD1 . ILE A 1 51 ? 2.055   20.654  -9.707  1.00 38.44 ? 647  ILE A CD1 1 
ATOM   406 N  N   . ARG A 1 52 ? 3.407   24.183  -5.468  1.00 30.73 ? 648  ARG A N   1 
ATOM   407 C  CA  . ARG A 1 52 ? 3.099   25.301  -4.599  1.00 28.95 ? 648  ARG A CA  1 
ATOM   408 C  C   . ARG A 1 52 ? 4.359   26.161  -4.385  1.00 30.67 ? 648  ARG A C   1 
ATOM   409 O  O   . ARG A 1 52 ? 4.266   27.394  -4.339  1.00 28.46 ? 648  ARG A O   1 
ATOM   410 C  CB  . ARG A 1 52 ? 2.525   24.841  -3.254  1.00 32.18 ? 648  ARG A CB  1 
ATOM   411 C  CG  . ARG A 1 52 ? 2.003   25.980  -2.387  1.00 32.65 ? 648  ARG A CG  1 
ATOM   412 C  CD  . ARG A 1 52 ? 3.069   26.615  -1.518  1.00 35.89 ? 648  ARG A CD  1 
ATOM   413 N  NE  . ARG A 1 52 ? 3.721   25.527  -0.811  1.00 37.87 ? 648  ARG A NE  1 
ATOM   414 C  CZ  . ARG A 1 52 ? 4.964   25.540  -0.341  1.00 43.38 ? 648  ARG A CZ  1 
ATOM   415 N  NH1 . ARG A 1 52 ? 5.691   26.636  -0.408  1.00 40.40 ? 648  ARG A NH1 1 
ATOM   416 N  NH2 . ARG A 1 52 ? 5.467   24.429  0.208   1.00 44.27 ? 648  ARG A NH2 1 
ATOM   417 N  N   . LEU A 1 53 ? 5.500   25.514  -4.173  1.00 31.07 ? 649  LEU A N   1 
ATOM   418 C  CA  . LEU A 1 53 ? 6.768   26.268  -4.024  1.00 34.09 ? 649  LEU A CA  1 
ATOM   419 C  C   . LEU A 1 53 ? 7.085   27.165  -5.254  1.00 34.92 ? 649  LEU A C   1 
ATOM   420 O  O   . LEU A 1 53 ? 7.536   28.288  -5.120  1.00 32.64 ? 649  LEU A O   1 
ATOM   421 C  CB  . LEU A 1 53 ? 7.920   25.298  -3.728  1.00 38.20 ? 649  LEU A CB  1 
ATOM   422 C  CG  . LEU A 1 53 ? 9.216   26.031  -3.348  1.00 47.95 ? 649  LEU A CG  1 
ATOM   423 C  CD1 . LEU A 1 53 ? 9.070   26.814  -2.046  1.00 46.16 ? 649  LEU A CD1 1 
ATOM   424 C  CD2 . LEU A 1 53 ? 10.357  25.005  -3.289  1.00 53.34 ? 649  LEU A CD2 1 
ATOM   425 N  N   . ARG A 1 54 ? 6.792   26.692  -6.450  1.00 33.12 ? 650  ARG A N   1 
ATOM   426 C  CA  . ARG A 1 54 ? 6.898   27.503  -7.643  1.00 37.35 ? 650  ARG A CA  1 
ATOM   427 C  C   . ARG A 1 54 ? 5.946   28.717  -7.669  1.00 34.12 ? 650  ARG A C   1 
ATOM   428 O  O   . ARG A 1 54 ? 6.334   29.841  -8.063  1.00 31.50 ? 650  ARG A O   1 
ATOM   429 C  CB  . ARG A 1 54 ? 6.661   26.620  -8.864  1.00 42.39 ? 650  ARG A CB  1 
ATOM   430 C  CG  . ARG A 1 54 ? 6.795   27.344  -10.183 1.00 53.36 ? 650  ARG A CG  1 
ATOM   431 C  CD  . ARG A 1 54 ? 7.499   26.452  -11.198 1.00 65.50 ? 650  ARG A CD  1 
ATOM   432 N  NE  . ARG A 1 54 ? 6.692   25.276  -11.571 1.00 71.26 ? 650  ARG A NE  1 
ATOM   433 C  CZ  . ARG A 1 54 ? 7.046   23.983  -11.456 1.00 72.96 ? 650  ARG A CZ  1 
ATOM   434 N  NH1 . ARG A 1 54 ? 8.236   23.603  -10.948 1.00 74.39 ? 650  ARG A NH1 1 
ATOM   435 N  NH2 . ARG A 1 54 ? 6.189   23.047  -11.877 1.00 60.45 ? 650  ARG A NH2 1 
ATOM   436 N  N   . LEU A 1 55 ? 4.711   28.512  -7.222  1.00 30.64 ? 651  LEU A N   1 
ATOM   437 C  CA  . LEU A 1 55 ? 3.775   29.614  -7.058  1.00 30.56 ? 651  LEU A CA  1 
ATOM   438 C  C   . LEU A 1 55 ? 4.292   30.676  -6.078  1.00 27.90 ? 651  LEU A C   1 
ATOM   439 O  O   . LEU A 1 55 ? 4.148   31.849  -6.365  1.00 28.72 ? 651  LEU A O   1 
ATOM   440 C  CB  . LEU A 1 55 ? 2.405   29.116  -6.575  1.00 30.29 ? 651  LEU A CB  1 
ATOM   441 C  CG  . LEU A 1 55 ? 1.306   30.183  -6.505  1.00 31.40 ? 651  LEU A CG  1 
ATOM   442 C  CD1 . LEU A 1 55 ? 0.967   30.870  -7.824  1.00 36.93 ? 651  LEU A CD1 1 
ATOM   443 C  CD2 . LEU A 1 55 ? 0.062   29.473  -6.058  1.00 35.05 ? 651  LEU A CD2 1 
ATOM   444 N  N   . GLN A 1 56 ? 4.851   30.252  -4.937  1.00 30.59 ? 652  GLN A N   1 
ATOM   445 C  CA  . GLN A 1 56 ? 5.477   31.143  -3.968  1.00 34.68 ? 652  GLN A CA  1 
ATOM   446 C  C   . GLN A 1 56 ? 6.595   32.012  -4.607  1.00 38.66 ? 652  GLN A C   1 
ATOM   447 O  O   . GLN A 1 56 ? 6.672   33.202  -4.357  1.00 31.99 ? 652  GLN A O   1 
ATOM   448 C  CB  . GLN A 1 56 ? 5.995   30.328  -2.805  1.00 40.34 ? 652  GLN A CB  1 
ATOM   449 C  CG  . GLN A 1 56 ? 6.419   31.103  -1.571  1.00 43.93 ? 652  GLN A CG  1 
ATOM   450 C  CD  . GLN A 1 56 ? 5.503   30.891  -0.331  1.00 55.14 ? 652  GLN A CD  1 
ATOM   451 O  OE1 . GLN A 1 56 ? 5.012   29.737  0.043   1.00 49.32 ? 652  GLN A OE1 1 
ATOM   452 N  NE2 . GLN A 1 56 ? 5.279   32.007  0.351   1.00 60.39 ? 652  GLN A NE2 1 
HETATM 453 N  N   A MSE A 1 57 ? 7.459   31.394  -5.414  0.50 34.41 ? 653  MSE A N   1 
HETATM 454 N  N   B MSE A 1 57 ? 7.455   31.398  -5.420  0.50 36.87 ? 653  MSE A N   1 
HETATM 455 C  CA  A MSE A 1 57 ? 8.494   32.127  -6.176  0.50 38.34 ? 653  MSE A CA  1 
HETATM 456 C  CA  B MSE A 1 57 ? 8.479   32.132  -6.196  0.50 42.61 ? 653  MSE A CA  1 
HETATM 457 C  C   A MSE A 1 57 ? 7.897   33.130  -7.155  0.50 34.66 ? 653  MSE A C   1 
HETATM 458 C  C   B MSE A 1 57 ? 7.885   33.142  -7.149  0.50 37.07 ? 653  MSE A C   1 
HETATM 459 O  O   A MSE A 1 57 ? 8.427   34.229  -7.317  0.50 33.48 ? 653  MSE A O   1 
HETATM 460 O  O   B MSE A 1 57 ? 8.410   34.244  -7.300  0.50 35.35 ? 653  MSE A O   1 
HETATM 461 C  CB  A MSE A 1 57 ? 9.436   31.098  -6.844  0.50 39.90 ? 653  MSE A CB  1 
HETATM 462 C  CB  B MSE A 1 57 ? 9.327   31.125  -6.984  0.50 48.54 ? 653  MSE A CB  1 
HETATM 463 C  CG  A MSE A 1 57 ? 10.425  30.494  -5.834  0.50 46.83 ? 653  MSE A CG  1 
HETATM 464 C  CG  B MSE A 1 57 ? 10.767  31.603  -7.183  0.50 60.86 ? 653  MSE A CG  1 
HETATM 465 SE SE  A MSE A 1 57 ? 11.587  29.120  -6.685  0.50 65.62 ? 653  MSE A SE  1 
HETATM 466 SE SE  B MSE A 1 57 ? 11.222  31.439  -9.104  0.50 84.99 ? 653  MSE A SE  1 
HETATM 467 C  CE  A MSE A 1 57 ? 10.529  27.467  -6.902  0.50 57.08 ? 653  MSE A CE  1 
HETATM 468 C  CE  B MSE A 1 57 ? 9.662   32.422  -9.823  0.50 68.13 ? 653  MSE A CE  1 
ATOM   469 N  N   . GLU A 1 58 ? 6.781   32.774  -7.798  1.00 35.65 ? 654  GLU A N   1 
ATOM   470 C  CA  . GLU A 1 58 ? 6.041   33.684  -8.668  1.00 40.06 ? 654  GLU A CA  1 
ATOM   471 C  C   . GLU A 1 58 ? 5.426   34.907  -7.919  1.00 38.44 ? 654  GLU A C   1 
ATOM   472 O  O   . GLU A 1 58 ? 5.553   36.051  -8.375  1.00 37.20 ? 654  GLU A O   1 
ATOM   473 C  CB  . GLU A 1 58 ? 4.970   32.940  -9.474  1.00 43.85 ? 654  GLU A CB  1 
ATOM   474 C  CG  . GLU A 1 58 ? 4.382   33.712  -10.642 1.00 52.57 ? 654  GLU A CG  1 
ATOM   475 C  CD  . GLU A 1 58 ? 3.358   32.935  -11.472 1.00 62.91 ? 654  GLU A CD  1 
ATOM   476 O  OE1 . GLU A 1 58 ? 3.026   31.785  -11.110 1.00 66.25 ? 654  GLU A OE1 1 
ATOM   477 O  OE2 . GLU A 1 58 ? 2.861   33.483  -12.498 1.00 79.13 ? 654  GLU A OE2 1 
ATOM   478 N  N   . VAL A 1 59 ? 4.781   34.647  -6.781  1.00 33.72 ? 655  VAL A N   1 
ATOM   479 C  CA  . VAL A 1 59 ? 4.331   35.677  -5.854  1.00 31.78 ? 655  VAL A CA  1 
ATOM   480 C  C   . VAL A 1 59 ? 5.472   36.579  -5.347  1.00 33.02 ? 655  VAL A C   1 
ATOM   481 O  O   . VAL A 1 59 ? 5.360   37.797  -5.360  1.00 34.13 ? 655  VAL A O   1 
ATOM   482 C  CB  . VAL A 1 59 ? 3.562   35.060  -4.693  1.00 32.09 ? 655  VAL A CB  1 
ATOM   483 C  CG1 . VAL A 1 59 ? 3.182   36.065  -3.587  1.00 36.15 ? 655  VAL A CG1 1 
ATOM   484 C  CG2 . VAL A 1 59 ? 2.277   34.472  -5.231  1.00 32.35 ? 655  VAL A CG2 1 
ATOM   485 N  N   . ASN A 1 60 ? 6.568   35.995  -4.941  1.00 38.75 ? 656  ASN A N   1 
ATOM   486 C  CA  . ASN A 1 60 ? 7.733   36.800  -4.579  1.00 42.11 ? 656  ASN A CA  1 
ATOM   487 C  C   . ASN A 1 60 ? 8.290   37.676  -5.697  1.00 41.89 ? 656  ASN A C   1 
ATOM   488 O  O   . ASN A 1 60 ? 8.591   38.824  -5.460  1.00 43.22 ? 656  ASN A O   1 
ATOM   489 C  CB  . ASN A 1 60 ? 8.790   35.915  -3.934  1.00 43.15 ? 656  ASN A CB  1 
ATOM   490 C  CG  . ASN A 1 60 ? 8.370   35.470  -2.536  1.00 47.65 ? 656  ASN A CG  1 
ATOM   491 O  OD1 . ASN A 1 60 ? 7.484   36.074  -1.886  1.00 53.31 ? 656  ASN A OD1 1 
ATOM   492 N  ND2 . ASN A 1 60 ? 8.989   34.398  -2.067  1.00 52.72 ? 656  ASN A ND2 1 
ATOM   493 N  N   . ASP A 1 61 ? 8.335   37.180  -6.931  1.00 41.11 ? 657  ASP A N   1 
ATOM   494 C  CA  . ASP A 1 61 ? 8.638   38.033  -8.068  1.00 44.54 ? 657  ASP A CA  1 
ATOM   495 C  C   . ASP A 1 61 ? 7.679   39.200  -8.237  1.00 46.05 ? 657  ASP A C   1 
ATOM   496 O  O   . ASP A 1 61 ? 8.108   40.322  -8.512  1.00 48.85 ? 657  ASP A O   1 
ATOM   497 C  CB  . ASP A 1 61 ? 8.650   37.242  -9.358  1.00 48.41 ? 657  ASP A CB  1 
ATOM   498 C  CG  . ASP A 1 61 ? 9.938   36.483  -9.561  1.00 56.73 ? 657  ASP A CG  1 
ATOM   499 O  OD1 . ASP A 1 61 ? 10.827  36.491  -8.644  1.00 55.98 ? 657  ASP A OD1 1 
ATOM   500 O  OD2 . ASP A 1 61 ? 10.054  35.887  -10.665 1.00 60.62 ? 657  ASP A OD2 1 
ATOM   501 N  N   . ILE A 1 62 ? 6.386   38.947  -8.062  1.00 38.63 ? 658  ILE A N   1 
ATOM   502 C  CA  . ILE A 1 62 ? 5.386   39.985  -8.150  1.00 39.24 ? 658  ILE A CA  1 
ATOM   503 C  C   . ILE A 1 62 ? 5.629   41.071  -7.113  1.00 39.19 ? 658  ILE A C   1 
ATOM   504 O  O   . ILE A 1 62 ? 5.568   42.263  -7.450  1.00 46.24 ? 658  ILE A O   1 
ATOM   505 C  CB  . ILE A 1 62 ? 3.931   39.437  -8.041  1.00 41.66 ? 658  ILE A CB  1 
ATOM   506 C  CG1 . ILE A 1 62 ? 3.555   38.631  -9.300  1.00 44.81 ? 658  ILE A CG1 1 
ATOM   507 C  CG2 . ILE A 1 62 ? 2.952   40.569  -7.830  1.00 45.58 ? 658  ILE A CG2 1 
ATOM   508 C  CD1 . ILE A 1 62 ? 2.175   37.973  -9.243  1.00 44.08 ? 658  ILE A CD1 1 
ATOM   509 N  N   . LYS A 1 63 ? 5.915   40.697  -5.887  1.00 38.24 ? 659  LYS A N   1 
ATOM   510 C  CA  . LYS A 1 63 ? 6.238   41.686  -4.854  1.00 44.00 ? 659  LYS A CA  1 
ATOM   511 C  C   . LYS A 1 63 ? 7.424   42.617  -5.208  1.00 49.68 ? 659  LYS A C   1 
ATOM   512 O  O   . LYS A 1 63 ? 7.388   43.765  -4.869  1.00 47.93 ? 659  LYS A O   1 
ATOM   513 C  CB  . LYS A 1 63 ? 6.566   41.022  -3.536  1.00 50.30 ? 659  LYS A CB  1 
ATOM   514 C  CG  . LYS A 1 63 ? 5.374   40.366  -2.877  1.00 54.14 ? 659  LYS A CG  1 
ATOM   515 C  CD  . LYS A 1 63 ? 5.721   39.834  -1.488  1.00 65.11 ? 659  LYS A CD  1 
ATOM   516 C  CE  . LYS A 1 63 ? 5.659   40.940  -0.424  1.00 76.56 ? 659  LYS A CE  1 
ATOM   517 N  NZ  . LYS A 1 63 ? 5.200   40.450  0.918   1.00 86.91 ? 659  LYS A NZ  1 
ATOM   518 N  N   . LYS A 1 64 ? 8.464   42.107  -5.857  1.00 52.98 ? 660  LYS A N   1 
ATOM   519 C  CA  . LYS A 1 64 ? 9.556   42.942  -6.372  1.00 53.87 ? 660  LYS A CA  1 
ATOM   520 C  C   . LYS A 1 64 ? 9.051   44.055  -7.288  1.00 55.72 ? 660  LYS A C   1 
ATOM   521 O  O   . LYS A 1 64 ? 9.515   45.180  -7.221  1.00 55.19 ? 660  LYS A O   1 
ATOM   522 C  CB  . LYS A 1 64 ? 10.566  42.087  -7.147  1.00 50.93 ? 660  LYS A CB  1 
ATOM   523 N  N   . ALA A 1 65 ? 8.114   43.721  -8.161  1.00 53.40 ? 661  ALA A N   1 
ATOM   524 C  CA  . ALA A 1 65 ? 7.610   44.640  -9.178  1.00 53.86 ? 661  ALA A CA  1 
ATOM   525 C  C   . ALA A 1 65 ? 6.603   45.657  -8.679  1.00 56.63 ? 661  ALA A C   1 
ATOM   526 O  O   . ALA A 1 65 ? 6.260   46.572  -9.425  1.00 48.87 ? 661  ALA A O   1 
ATOM   527 C  CB  . ALA A 1 65 ? 6.976   43.853  -10.307 1.00 57.11 ? 661  ALA A CB  1 
ATOM   528 N  N   . LEU A 1 66 ? 6.078   45.490  -7.468  1.00 52.02 ? 662  LEU A N   1 
ATOM   529 C  CA  . LEU A 1 66 ? 5.207   46.525  -6.918  1.00 63.80 ? 662  LEU A CA  1 
ATOM   530 C  C   . LEU A 1 66 ? 5.932   47.843  -6.578  1.00 64.26 ? 662  LEU A C   1 
ATOM   531 O  O   . LEU A 1 66 ? 5.294   48.884  -6.817  1.00 59.77 ? 662  LEU A O   1 
ATOM   532 C  CB  . LEU A 1 66 ? 4.401   45.999  -5.732  1.00 63.13 ? 662  LEU A CB  1 
ATOM   533 C  CG  . LEU A 1 66 ? 3.356   44.948  -6.117  1.00 67.47 ? 662  LEU A CG  1 
ATOM   534 C  CD1 . LEU A 1 66 ? 2.129   45.129  -5.247  1.00 67.89 ? 662  LEU A CD1 1 
ATOM   535 C  CD2 . LEU A 1 66 ? 2.935   44.971  -7.594  1.00 69.32 ? 662  LEU A CD2 1 
ATOM   536 O  OXT . LEU A 1 66 ? 7.102   47.908  -6.137  1.00 60.90 ? 662  LEU A OXT 1 
HETATM 537 ZN ZN  . ZN  B 2 .  ? 5.856   18.312  -12.004 1.00 62.86 ? 1001 ZN  A ZN  1 
HETATM 538 ZN ZN  . ZN  C 2 .  ? 7.479   14.760  0.827   1.00 37.86 ? 1002 ZN  A ZN  1 
HETATM 539 ZN ZN  . ZN  D 2 .  ? 6.209   -8.682  -0.392  0.50 41.77 ? 1003 ZN  A ZN  1 
HETATM 540 ZN ZN  . ZN  E 2 .  ? 12.653  35.130  -10.132 0.50 79.56 ? 1004 ZN  A ZN  1 
HETATM 541 O  O   . HOH F 3 .  ? 8.190   11.277  -6.033  1.00 40.12 ? 2001 HOH A O   1 
HETATM 542 O  O   . HOH F 3 .  ? -19.028 -30.829 0.540   1.00 51.70 ? 2002 HOH A O   1 
HETATM 543 O  O   . HOH F 3 .  ? 0.605   -28.933 4.467   1.00 40.32 ? 2003 HOH A O   1 
HETATM 544 O  O   . HOH F 3 .  ? 2.527   -28.640 13.023  1.00 38.92 ? 2004 HOH A O   1 
HETATM 545 O  O   . HOH F 3 .  ? 3.361   -13.065 6.071   1.00 39.74 ? 2005 HOH A O   1 
HETATM 546 O  O   . HOH F 3 .  ? 3.634   3.230   -5.573  1.00 36.73 ? 2006 HOH A O   1 
HETATM 547 O  O   . HOH F 3 .  ? 6.589   7.873   -3.081  1.00 42.53 ? 2007 HOH A O   1 
HETATM 548 O  O   . HOH F 3 .  ? -2.064  9.305   -5.349  1.00 47.54 ? 2008 HOH A O   1 
HETATM 549 O  O   . HOH F 3 .  ? 6.582   13.395  -6.702  1.00 41.61 ? 2009 HOH A O   1 
HETATM 550 O  O   . HOH F 3 .  ? 0.021   16.203  -7.347  1.00 31.32 ? 2010 HOH A O   1 
HETATM 551 O  O   . HOH F 3 .  ? 8.240   18.372  -3.427  1.00 35.14 ? 2011 HOH A O   1 
HETATM 552 O  O   . HOH F 3 .  ? 5.113   20.630  -13.022 1.00 63.23 ? 2012 HOH A O   1 
HETATM 553 O  O   . HOH F 3 .  ? -0.253  18.964  -7.745  1.00 39.21 ? 2013 HOH A O   1 
HETATM 554 O  O   . HOH F 3 .  ? 9.277   19.847  2.456   1.00 45.19 ? 2014 HOH A O   1 
# 
